data_9B7R
#
_entry.id   9B7R
#
_cell.length_a   1.00
_cell.length_b   1.00
_cell.length_c   1.00
_cell.angle_alpha   90.00
_cell.angle_beta   90.00
_cell.angle_gamma   90.00
#
_symmetry.space_group_name_H-M   'P 1'
#
loop_
_entity.id
_entity.type
_entity.pdbx_description
1 polymer 'Capsid protein VP1'
2 polymer 'Fab3-1 heavy chain'
3 polymer 'Fab3-1 light chain'
#
loop_
_entity_poly.entity_id
_entity_poly.type
_entity_poly.pdbx_seq_one_letter_code
_entity_poly.pdbx_strand_id
1 'polypeptide(L)'
;MASGGGAPVADNNEGADGVGSSSGNWHCDSQWLGDRVITTSTRTWALPTYNNHLYKQISNSTSGGSSNDNAYFGYSTPWG
YFDFNRFHCHFSPRDWQRLINNNWGFRPKRLNFKLFNIQVKEVTDNNGVKTIANNLTSTVQVFTDSDYQLPYVLGSAHEG
CLPPFPADVFMIPQYGYLTLNDGSQAVGRSSFYCLEYFPSQMLRTGNNFQFSYEFENVPFHSSYAHSQSLDRLMNPLIDQ
YLYYLSKTINGSGQNQQTLKFSVAGPSNMAVQGRNYIPGPSYRQQRVSTTVTQNNNSEFAWPGASSWALNGRNSLMNPGP
AMASHKEGEDRFFPLSGSLIFGKQGTGRDNVDADKVMITNEEEIKTTNPVATESYGQVATNHQSAQAQAQTGWVQNQGIL
PGMVWQDRDVYLQGPIWAKIPHTDGNFHPSPLMGGFGMKHPPPQILIKNTPVPADPPTAFNKDKLNSFITQYSTGQVSVE
IEWELQKENSKRWNPEIQYTSNYYKSNNVEFAVNTEGVYSEPRPIGTRYLTRNL
;
A,B,C,D,E,F
2 'polypeptide(L)'
;EVQLLESGGGLVQPGGSLRLSCEASGFTFSRYPMNWVRQAPGKGLEWVSHISASGGTTYYADTVKGRFSISRDNSKNTLY
LEMNSLRAEDTAIYFCAKDYPPDEVTMIVVGMPYFDSWGLGTLVSVSS
;
H
3 'polypeptide(L)'
;EIVMTQSPATLSVSPGDRATLSCRASQSVSSKLAWYQQKPGQAPRLLIYAASTRATGIPARFSGSGSGTEFTLTISSLQS
EDFAVYYCQQYNYWPPITFGQGTRL
;
L
#
# COMPACT_ATOMS: atom_id res chain seq x y z
N TYR A 50 -9.99 -35.22 18.61
CA TYR A 50 -10.40 -34.18 17.66
C TYR A 50 -9.25 -33.63 16.82
N ASN A 51 -9.38 -33.80 15.49
CA ASN A 51 -8.45 -33.24 14.52
C ASN A 51 -7.02 -33.70 14.76
N ASN A 52 -6.87 -34.81 15.48
CA ASN A 52 -5.56 -35.32 15.86
C ASN A 52 -4.66 -34.21 16.39
N HIS A 53 -5.21 -33.38 17.26
CA HIS A 53 -4.47 -32.32 17.95
C HIS A 53 -3.98 -31.24 17.00
N LEU A 54 -4.83 -30.87 16.03
CA LEU A 54 -4.48 -29.85 15.03
C LEU A 54 -5.56 -28.79 14.96
N TYR A 55 -5.13 -27.53 14.87
CA TYR A 55 -5.98 -26.45 14.42
C TYR A 55 -6.05 -26.50 12.91
N LYS A 56 -7.25 -26.57 12.36
CA LYS A 56 -7.41 -26.69 10.92
C LYS A 56 -8.36 -25.63 10.40
N GLN A 57 -7.86 -24.85 9.44
CA GLN A 57 -8.70 -23.99 8.64
C GLN A 57 -9.79 -24.80 7.97
N ILE A 58 -11.03 -24.36 8.14
CA ILE A 58 -12.16 -24.92 7.42
C ILE A 58 -12.75 -23.75 6.66
N SER A 59 -13.48 -24.03 5.61
CA SER A 59 -14.07 -22.97 4.82
C SER A 59 -15.28 -23.47 4.05
N ASN A 60 -15.84 -22.58 3.25
CA ASN A 60 -16.96 -22.95 2.39
C ASN A 60 -16.55 -24.01 1.38
N SER A 61 -15.33 -23.89 0.83
CA SER A 61 -14.89 -24.83 -0.19
C SER A 61 -14.62 -26.21 0.40
N THR A 62 -14.17 -26.25 1.66
CA THR A 62 -14.03 -27.53 2.34
C THR A 62 -15.36 -28.27 2.41
N SER A 63 -16.46 -27.52 2.50
CA SER A 63 -17.77 -28.15 2.41
C SER A 63 -18.21 -28.28 0.95
N GLY A 64 -17.53 -27.57 0.06
CA GLY A 64 -17.86 -27.57 -1.37
C GLY A 64 -18.62 -26.33 -1.78
N GLY A 65 -19.35 -25.72 -0.84
CA GLY A 65 -19.89 -24.39 -1.02
C GLY A 65 -20.74 -24.12 -2.24
N SER A 66 -20.30 -23.12 -3.02
CA SER A 66 -20.86 -22.67 -4.30
C SER A 66 -22.09 -21.79 -4.14
N SER A 67 -22.72 -21.76 -2.96
CA SER A 67 -23.82 -20.85 -2.70
C SER A 67 -23.30 -19.69 -1.86
N ASN A 68 -23.67 -18.47 -2.23
CA ASN A 68 -23.13 -17.30 -1.55
C ASN A 68 -23.60 -17.24 -0.10
N ASP A 69 -24.91 -17.33 0.12
CA ASP A 69 -25.47 -17.12 1.46
C ASP A 69 -24.85 -18.04 2.50
N ASN A 70 -24.36 -19.20 2.11
CA ASN A 70 -23.78 -20.15 3.03
C ASN A 70 -22.25 -20.10 3.09
N ALA A 71 -21.62 -19.20 2.34
CA ALA A 71 -20.16 -19.17 2.28
C ALA A 71 -19.58 -18.70 3.60
N TYR A 72 -18.70 -19.52 4.17
CA TYR A 72 -18.16 -19.21 5.48
C TYR A 72 -16.66 -19.46 5.48
N PHE A 73 -16.00 -18.95 6.52
CA PHE A 73 -14.59 -19.16 6.75
C PHE A 73 -14.34 -19.16 8.25
N GLY A 74 -13.43 -20.02 8.70
CA GLY A 74 -13.17 -20.11 10.12
C GLY A 74 -12.18 -21.22 10.39
N TYR A 75 -12.19 -21.69 11.64
CA TYR A 75 -11.24 -22.70 12.06
C TYR A 75 -11.92 -23.74 12.94
N SER A 76 -11.33 -24.92 12.99
CA SER A 76 -11.76 -26.00 13.86
C SER A 76 -10.63 -26.36 14.81
N THR A 77 -10.94 -26.43 16.09
CA THR A 77 -9.94 -26.54 17.14
C THR A 77 -10.03 -27.92 17.78
N PRO A 78 -8.91 -28.43 18.31
CA PRO A 78 -8.94 -29.75 18.96
C PRO A 78 -9.73 -29.77 20.25
N TRP A 79 -10.00 -28.61 20.82
CA TRP A 79 -10.63 -28.48 22.13
C TRP A 79 -12.12 -28.82 22.05
N GLY A 80 -12.69 -29.10 23.21
CA GLY A 80 -14.10 -29.44 23.31
C GLY A 80 -15.01 -28.26 23.63
N GLN A 149 -13.32 -13.34 25.75
CA GLN A 149 -12.32 -13.12 24.71
C GLN A 149 -12.58 -13.98 23.48
N LEU A 150 -12.54 -15.28 23.66
CA LEU A 150 -12.85 -16.19 22.57
C LEU A 150 -14.26 -15.98 22.07
N PRO A 151 -14.54 -16.36 20.81
CA PRO A 151 -15.90 -16.38 20.28
C PRO A 151 -16.85 -17.22 21.13
N GLY A 155 -24.24 -20.53 22.72
CA GLY A 155 -25.13 -19.39 22.56
C GLY A 155 -25.83 -19.38 21.21
N SER A 156 -25.43 -20.30 20.34
CA SER A 156 -25.99 -20.44 19.00
C SER A 156 -27.06 -21.53 18.93
N ALA A 157 -27.44 -22.12 20.06
CA ALA A 157 -28.51 -23.13 20.12
C ALA A 157 -28.16 -24.40 19.36
N HIS A 158 -26.94 -24.89 19.57
CA HIS A 158 -26.55 -26.17 18.97
C HIS A 158 -27.02 -27.34 19.81
N GLN A 174 -17.10 -30.65 19.76
CA GLN A 174 -15.88 -30.02 19.30
C GLN A 174 -16.06 -28.51 19.23
N TYR A 175 -14.98 -27.76 19.39
CA TYR A 175 -15.07 -26.32 19.35
C TYR A 175 -14.47 -25.78 18.06
N GLY A 176 -15.26 -24.97 17.35
CA GLY A 176 -14.79 -24.28 16.17
C GLY A 176 -15.51 -22.96 16.07
N TYR A 177 -14.98 -22.08 15.25
CA TYR A 177 -15.53 -20.73 15.19
C TYR A 177 -15.31 -20.15 13.80
N LEU A 178 -16.21 -19.24 13.44
CA LEU A 178 -16.16 -18.56 12.17
C LEU A 178 -15.69 -17.12 12.36
N THR A 179 -15.00 -16.60 11.36
CA THR A 179 -14.57 -15.21 11.35
C THR A 179 -15.05 -14.56 10.06
N LEU A 180 -14.61 -13.33 9.83
CA LEU A 180 -15.00 -12.62 8.62
C LEU A 180 -14.44 -13.32 7.38
N ASN A 181 -15.26 -13.37 6.34
CA ASN A 181 -14.85 -13.92 5.05
C ASN A 181 -15.34 -13.01 3.95
N ASP A 182 -14.80 -13.20 2.74
CA ASP A 182 -15.41 -12.71 1.53
C ASP A 182 -15.46 -13.87 0.55
N GLY A 183 -16.67 -14.33 0.24
CA GLY A 183 -16.77 -15.63 -0.40
C GLY A 183 -16.19 -16.66 0.54
N SER A 184 -15.39 -17.57 0.00
CA SER A 184 -14.73 -18.60 0.81
C SER A 184 -13.34 -18.18 1.26
N GLN A 185 -12.90 -16.99 0.90
CA GLN A 185 -11.60 -16.48 1.30
C GLN A 185 -11.74 -15.60 2.53
N ALA A 186 -10.61 -15.13 3.03
CA ALA A 186 -10.56 -14.40 4.28
C ALA A 186 -9.93 -13.03 4.10
N VAL A 187 -10.61 -12.01 4.57
CA VAL A 187 -10.08 -10.66 4.52
C VAL A 187 -8.98 -10.53 5.56
N GLY A 188 -8.16 -9.50 5.41
CA GLY A 188 -7.08 -9.28 6.34
C GLY A 188 -7.52 -8.98 7.75
N ARG A 189 -8.80 -8.68 7.92
CA ARG A 189 -9.38 -8.41 9.23
C ARG A 189 -9.80 -9.69 9.96
N SER A 190 -9.58 -10.85 9.36
CA SER A 190 -9.85 -12.11 10.04
C SER A 190 -8.91 -12.26 11.23
N SER A 191 -9.33 -13.07 12.19
CA SER A 191 -8.61 -13.23 13.43
C SER A 191 -8.48 -14.71 13.78
N PHE A 192 -7.25 -15.14 14.02
CA PHE A 192 -6.95 -16.52 14.40
C PHE A 192 -6.61 -16.57 15.87
N TYR A 193 -7.36 -17.39 16.61
CA TYR A 193 -7.18 -17.55 18.04
C TYR A 193 -6.62 -18.93 18.33
N CYS A 194 -5.46 -18.97 18.98
CA CYS A 194 -4.89 -20.21 19.49
C CYS A 194 -5.34 -20.37 20.93
N LEU A 195 -6.04 -21.46 21.23
CA LEU A 195 -6.48 -21.69 22.60
C LEU A 195 -5.33 -22.08 23.52
N GLU A 196 -4.27 -22.68 22.97
CA GLU A 196 -3.08 -23.00 23.75
C GLU A 196 -2.43 -21.77 24.36
N TYR A 197 -2.81 -20.57 23.94
CA TYR A 197 -2.13 -19.35 24.33
C TYR A 197 -2.77 -18.69 25.56
N PHE A 198 -3.76 -19.33 26.17
CA PHE A 198 -4.30 -18.81 27.42
C PHE A 198 -3.54 -19.30 28.65
N SER A 281 -44.08 -5.54 14.10
CA SER A 281 -44.14 -6.85 13.45
C SER A 281 -43.31 -6.91 12.18
N TYR A 282 -42.86 -8.11 11.84
CA TYR A 282 -42.26 -8.40 10.55
C TYR A 282 -42.99 -9.62 10.02
N ARG A 283 -43.82 -9.46 8.99
CA ARG A 283 -44.79 -10.51 8.69
C ARG A 283 -44.11 -11.77 8.18
N GLN A 284 -44.59 -12.91 8.67
CA GLN A 284 -44.18 -14.22 8.23
C GLN A 284 -45.19 -14.78 7.25
N GLN A 285 -44.71 -15.57 6.30
CA GLN A 285 -45.58 -16.28 5.38
C GLN A 285 -46.50 -17.23 6.12
N ASN A 294 -52.54 -25.74 1.09
CA ASN A 294 -51.31 -25.11 0.63
C ASN A 294 -51.25 -24.98 -0.87
N ASN A 295 -50.55 -23.96 -1.36
CA ASN A 295 -50.41 -23.75 -2.79
C ASN A 295 -49.54 -24.86 -3.35
N ASN A 296 -49.83 -25.30 -4.57
CA ASN A 296 -49.07 -26.39 -5.18
C ASN A 296 -47.79 -25.94 -5.87
N SER A 297 -46.85 -25.41 -5.09
CA SER A 297 -45.57 -24.95 -5.62
C SER A 297 -44.54 -24.91 -4.49
N GLU A 298 -43.29 -24.60 -4.82
CA GLU A 298 -42.26 -24.54 -3.79
C GLU A 298 -42.02 -23.10 -3.33
N PHE A 299 -42.47 -22.80 -2.12
CA PHE A 299 -42.32 -21.47 -1.54
C PHE A 299 -41.49 -21.49 -0.26
N ALA A 300 -40.80 -22.59 0.00
CA ALA A 300 -40.03 -22.69 1.23
C ALA A 300 -38.93 -21.65 1.35
N TRP A 301 -38.19 -21.42 0.27
CA TRP A 301 -37.12 -20.43 0.30
C TRP A 301 -37.57 -19.11 -0.31
N PRO A 302 -38.24 -19.18 -1.47
CA PRO A 302 -38.74 -18.02 -2.21
C PRO A 302 -39.79 -17.21 -1.48
N GLY A 303 -40.71 -17.88 -0.79
CA GLY A 303 -41.78 -17.20 -0.08
C GLY A 303 -41.49 -16.76 1.34
N ALA A 304 -40.31 -17.09 1.84
CA ALA A 304 -39.95 -16.74 3.21
C ALA A 304 -39.39 -15.34 3.41
N SER A 305 -39.63 -14.78 4.59
CA SER A 305 -39.12 -13.48 4.98
C SER A 305 -37.69 -13.60 5.45
N SER A 306 -36.84 -12.68 4.99
CA SER A 306 -35.41 -12.77 5.25
C SER A 306 -34.85 -11.39 5.52
N TRP A 307 -33.60 -11.36 5.99
CA TRP A 307 -32.82 -10.15 6.08
C TRP A 307 -31.43 -10.40 5.51
N ALA A 308 -30.90 -9.40 4.81
CA ALA A 308 -29.65 -9.52 4.09
C ALA A 308 -28.59 -8.63 4.70
N LEU A 309 -27.37 -9.18 4.85
CA LEU A 309 -26.29 -8.48 5.52
C LEU A 309 -25.01 -8.65 4.70
N ASN A 310 -24.47 -7.54 4.22
CA ASN A 310 -23.28 -7.54 3.38
C ASN A 310 -23.49 -8.40 2.14
N GLY A 311 -24.72 -8.37 1.62
CA GLY A 311 -25.04 -9.07 0.39
C GLY A 311 -25.59 -10.48 0.58
N ARG A 312 -25.30 -11.12 1.71
CA ARG A 312 -25.80 -12.46 1.99
C ARG A 312 -27.19 -12.38 2.59
N ASN A 313 -28.12 -13.16 2.04
CA ASN A 313 -29.45 -13.28 2.59
C ASN A 313 -29.43 -14.29 3.72
N SER A 314 -30.26 -14.06 4.73
CA SER A 314 -30.40 -14.95 5.86
C SER A 314 -31.87 -15.03 6.24
N LEU A 315 -32.36 -16.25 6.44
CA LEU A 315 -33.75 -16.44 6.83
C LEU A 315 -34.03 -15.69 8.11
N MET A 316 -35.27 -15.20 8.25
CA MET A 316 -35.68 -14.57 9.50
C MET A 316 -36.23 -15.68 10.38
N ASN A 317 -35.45 -16.06 11.38
CA ASN A 317 -35.85 -17.13 12.26
C ASN A 317 -35.30 -16.83 13.65
N PRO A 318 -36.11 -17.04 14.70
CA PRO A 318 -37.57 -17.23 14.64
C PRO A 318 -38.29 -15.93 14.29
N GLY A 319 -37.70 -14.80 14.63
CA GLY A 319 -38.28 -13.51 14.24
C GLY A 319 -38.54 -12.53 15.36
N VAL A 394 -49.68 -2.27 5.67
CA VAL A 394 -48.51 -2.23 6.53
C VAL A 394 -48.02 -3.64 6.82
N GLN A 395 -46.90 -4.03 6.20
CA GLN A 395 -46.38 -5.36 6.40
C GLN A 395 -45.33 -5.42 7.50
N ASN A 396 -44.82 -4.28 7.96
CA ASN A 396 -43.80 -4.26 8.98
C ASN A 396 -43.85 -2.93 9.73
N GLN A 397 -43.42 -2.96 11.00
CA GLN A 397 -43.48 -1.79 11.87
C GLN A 397 -42.41 -1.92 12.94
N GLY A 398 -41.88 -0.79 13.38
CA GLY A 398 -40.89 -0.78 14.43
C GLY A 398 -41.21 0.17 15.57
N PRO A 421 -23.61 -9.58 22.01
CA PRO A 421 -22.69 -8.86 21.12
C PRO A 421 -22.27 -7.54 21.72
N HIS A 422 -21.00 -7.19 21.63
CA HIS A 422 -20.51 -5.94 22.18
C HIS A 422 -20.56 -4.89 21.08
N THR A 423 -21.48 -3.93 21.19
CA THR A 423 -21.70 -2.96 20.15
C THR A 423 -22.00 -1.60 20.77
N ASP A 424 -22.36 -0.65 19.91
CA ASP A 424 -22.73 0.68 20.38
C ASP A 424 -24.18 0.72 20.82
N GLY A 425 -25.05 -0.06 20.18
CA GLY A 425 -26.47 0.08 20.43
C GLY A 425 -27.18 -1.25 20.33
N ASN A 426 -28.41 -1.27 20.87
CA ASN A 426 -29.23 -2.45 20.94
C ASN A 426 -30.61 -2.15 21.49
N ALA A 459 17.86 -40.16 15.92
CA ALA A 459 18.48 -38.85 15.72
C ALA A 459 17.42 -37.75 15.75
N PHE A 460 17.87 -36.52 15.88
CA PHE A 460 16.96 -35.39 16.01
C PHE A 460 16.36 -35.00 14.67
N ASN A 461 15.16 -34.44 14.72
CA ASN A 461 14.42 -33.97 13.56
C ASN A 461 13.69 -32.70 13.96
N LYS A 462 13.65 -31.72 13.05
CA LYS A 462 13.00 -30.46 13.37
C LYS A 462 11.50 -30.47 13.13
N ASP A 463 10.99 -31.43 12.37
CA ASP A 463 9.56 -31.47 12.10
C ASP A 463 8.78 -31.78 13.37
N LYS A 464 7.63 -31.15 13.49
CA LYS A 464 6.79 -31.39 14.67
C LYS A 464 6.31 -32.84 14.66
N LEU A 465 6.09 -33.37 15.86
CA LEU A 465 5.80 -34.79 16.02
C LEU A 465 4.34 -35.06 15.67
N ASN A 466 4.11 -35.90 14.66
CA ASN A 466 2.77 -36.19 14.18
C ASN A 466 2.20 -37.51 14.71
N SER A 467 2.96 -38.26 15.49
CA SER A 467 2.58 -39.60 15.89
C SER A 467 2.12 -39.60 17.34
N PHE A 468 0.84 -39.82 17.56
CA PHE A 468 0.29 -39.84 18.91
C PHE A 468 -0.59 -41.06 19.12
N ILE B 238 -22.48 31.34 7.65
CA ILE B 238 -21.36 30.42 7.87
C ILE B 238 -21.58 29.09 7.15
N ASP B 239 -20.59 28.65 6.39
CA ASP B 239 -20.66 27.37 5.70
C ASP B 239 -20.29 26.21 6.61
N GLN B 240 -20.83 25.04 6.27
CA GLN B 240 -20.25 23.80 6.77
C GLN B 240 -19.00 23.45 5.97
N TYR B 241 -18.14 22.65 6.59
CA TYR B 241 -17.01 22.09 5.86
C TYR B 241 -17.37 20.84 5.07
N LEU B 242 -18.59 20.33 5.23
CA LEU B 242 -19.06 19.18 4.47
C LEU B 242 -19.53 19.59 3.08
N TYR B 243 -19.53 18.61 2.18
CA TYR B 243 -19.95 18.79 0.79
C TYR B 243 -21.14 17.89 0.49
N TYR B 244 -21.89 18.25 -0.55
CA TYR B 244 -22.98 17.43 -1.04
C TYR B 244 -22.86 17.35 -2.55
N LEU B 245 -23.67 16.47 -3.15
CA LEU B 245 -23.60 16.24 -4.59
C LEU B 245 -24.60 17.15 -5.27
N SER B 246 -24.10 18.17 -5.96
CA SER B 246 -24.98 19.16 -6.58
C SER B 246 -25.51 18.70 -7.94
N LYS B 247 -24.64 18.24 -8.84
CA LYS B 247 -25.03 17.95 -10.21
C LYS B 247 -24.58 16.57 -10.64
N THR B 248 -25.50 15.82 -11.24
CA THR B 248 -25.14 14.56 -11.88
C THR B 248 -25.01 14.62 -13.40
N ILE B 249 -25.31 15.75 -14.03
CA ILE B 249 -25.15 15.90 -15.47
C ILE B 249 -24.72 17.31 -15.79
N ASN B 250 -23.94 17.47 -16.86
CA ASN B 250 -23.49 18.79 -17.27
C ASN B 250 -24.57 19.52 -18.06
N GLY B 251 -25.30 18.81 -18.92
CA GLY B 251 -26.29 19.46 -19.75
C GLY B 251 -27.21 18.46 -20.39
N SER B 252 -27.95 18.92 -21.39
CA SER B 252 -28.85 18.05 -22.11
C SER B 252 -28.17 17.46 -23.33
N GLY B 253 -28.31 16.15 -23.48
CA GLY B 253 -27.70 15.44 -24.59
C GLY B 253 -27.16 14.10 -24.10
N GLN B 254 -26.68 13.28 -25.01
CA GLN B 254 -26.14 11.97 -24.68
C GLN B 254 -24.83 12.02 -23.88
N ASN B 255 -24.66 11.06 -23.00
CA ASN B 255 -23.44 10.91 -22.21
C ASN B 255 -23.00 12.13 -21.43
N GLN B 256 -23.93 12.79 -20.77
CA GLN B 256 -23.59 13.97 -19.99
C GLN B 256 -23.33 13.67 -18.52
N GLN B 257 -23.16 12.40 -18.17
CA GLN B 257 -22.92 12.06 -16.78
C GLN B 257 -21.70 12.75 -16.20
N THR B 258 -21.84 13.26 -14.99
CA THR B 258 -20.76 13.92 -14.28
C THR B 258 -21.06 13.92 -12.80
N LEU B 259 -20.04 14.13 -11.98
CA LEU B 259 -20.21 14.21 -10.54
C LEU B 259 -19.62 15.52 -10.06
N LYS B 260 -20.46 16.39 -9.51
CA LYS B 260 -20.02 17.68 -9.04
C LYS B 260 -20.39 17.80 -7.58
N PHE B 261 -19.62 18.57 -6.83
CA PHE B 261 -19.90 18.73 -5.41
C PHE B 261 -19.80 20.20 -5.05
N SER B 262 -20.56 20.60 -4.03
CA SER B 262 -20.55 21.97 -3.57
C SER B 262 -20.59 22.03 -2.06
N VAL B 263 -20.30 23.21 -1.51
CA VAL B 263 -20.30 23.38 -0.07
C VAL B 263 -21.72 23.64 0.42
N ALA B 264 -22.13 22.89 1.43
CA ALA B 264 -23.42 23.14 2.05
C ALA B 264 -23.31 24.35 2.97
N GLY B 265 -24.19 25.32 2.77
CA GLY B 265 -24.10 26.58 3.47
C GLY B 265 -25.44 27.28 3.59
N PRO B 266 -25.43 28.53 4.06
CA PRO B 266 -26.69 29.26 4.23
C PRO B 266 -27.54 29.33 2.98
N SER B 267 -26.94 29.34 1.79
CA SER B 267 -27.70 29.52 0.58
C SER B 267 -28.70 28.39 0.35
N ASN B 268 -28.27 27.15 0.50
CA ASN B 268 -29.14 25.98 0.36
C ASN B 268 -29.11 25.25 1.69
N MET B 269 -30.18 25.35 2.47
CA MET B 269 -30.20 24.80 3.82
C MET B 269 -30.80 23.41 3.89
N ALA B 270 -31.44 22.94 2.83
CA ALA B 270 -32.08 21.63 2.90
C ALA B 270 -31.07 20.51 2.80
N VAL B 271 -29.90 20.78 2.24
CA VAL B 271 -28.90 19.76 1.97
C VAL B 271 -27.83 19.68 3.05
N GLN B 272 -27.95 20.43 4.13
CA GLN B 272 -26.93 20.36 5.18
C GLN B 272 -27.10 19.08 5.99
N GLY B 273 -25.96 18.50 6.36
CA GLY B 273 -25.98 17.31 7.21
C GLY B 273 -26.29 17.68 8.65
N ARG B 274 -27.17 16.91 9.26
CA ARG B 274 -27.69 17.21 10.59
C ARG B 274 -27.50 16.02 11.52
N ASN B 275 -27.40 16.30 12.81
CA ASN B 275 -27.17 15.26 13.80
C ASN B 275 -28.43 14.55 14.26
N TYR B 276 -29.60 15.17 14.12
CA TYR B 276 -30.82 14.61 14.70
C TYR B 276 -31.98 14.78 13.74
N ILE B 277 -32.89 13.82 13.75
CA ILE B 277 -34.00 13.78 12.79
C ILE B 277 -35.29 13.59 13.56
N PRO B 278 -36.42 14.03 13.00
CA PRO B 278 -37.71 13.85 13.67
C PRO B 278 -38.11 12.39 13.76
N GLY B 279 -39.02 12.10 14.68
CA GLY B 279 -39.42 10.74 14.95
C GLY B 279 -40.91 10.47 15.00
N GLU B 373 -49.44 13.86 5.90
CA GLU B 373 -48.17 13.89 5.17
C GLU B 373 -47.30 12.69 5.47
N SER B 374 -46.63 12.18 4.45
CA SER B 374 -45.71 11.07 4.61
C SER B 374 -44.42 11.54 5.30
N TYR B 375 -43.70 10.58 5.88
CA TYR B 375 -42.50 10.94 6.63
C TYR B 375 -41.38 11.38 5.70
N GLY B 376 -41.32 10.84 4.49
CA GLY B 376 -40.22 11.16 3.60
C GLY B 376 -40.22 10.26 2.39
N GLN B 377 -39.03 10.10 1.80
CA GLN B 377 -38.83 9.24 0.65
C GLN B 377 -37.55 8.43 0.78
N VAL B 378 -37.61 7.17 0.32
CA VAL B 378 -36.46 6.29 0.25
C VAL B 378 -36.24 5.91 -1.20
N ALA B 379 -35.03 5.47 -1.52
CA ALA B 379 -34.76 4.98 -2.86
C ALA B 379 -35.23 3.54 -3.00
N THR B 380 -35.95 3.25 -4.08
CA THR B 380 -36.46 1.91 -4.29
C THR B 380 -35.59 1.04 -5.18
N ASN B 381 -34.58 1.58 -5.85
CA ASN B 381 -33.82 0.77 -6.78
C ASN B 381 -32.39 1.29 -6.88
N HIS B 382 -31.53 0.45 -7.44
CA HIS B 382 -30.23 0.89 -7.91
C HIS B 382 -30.39 1.56 -9.26
N GLN B 383 -29.82 2.75 -9.40
CA GLN B 383 -29.75 3.38 -10.71
C GLN B 383 -28.68 2.69 -11.53
N SER B 384 -28.74 2.89 -12.85
CA SER B 384 -27.69 2.47 -13.75
C SER B 384 -27.90 3.21 -15.05
N ALA B 385 -27.07 2.89 -16.04
CA ALA B 385 -27.23 3.53 -17.35
C ALA B 385 -28.63 3.33 -17.89
N GLN B 386 -29.22 2.16 -17.63
CA GLN B 386 -30.57 1.88 -18.12
C GLN B 386 -31.63 2.42 -17.18
N ALA B 387 -31.45 2.26 -15.87
CA ALA B 387 -32.51 2.48 -14.89
C ALA B 387 -32.37 3.86 -14.25
N GLN B 388 -33.47 4.60 -14.25
CA GLN B 388 -33.50 5.88 -13.53
C GLN B 388 -33.66 5.66 -12.04
N ALA B 389 -33.20 6.62 -11.27
CA ALA B 389 -33.38 6.57 -9.83
C ALA B 389 -34.86 6.71 -9.48
N GLN B 390 -35.36 5.77 -8.68
CA GLN B 390 -36.75 5.76 -8.29
C GLN B 390 -36.84 5.93 -6.77
N THR B 391 -37.90 6.58 -6.33
CA THR B 391 -38.14 6.79 -4.91
C THR B 391 -39.58 6.43 -4.57
N GLY B 392 -39.84 6.28 -3.29
CA GLY B 392 -41.17 5.95 -2.81
C GLY B 392 -41.41 6.54 -1.46
N TRP B 393 -42.68 6.67 -1.11
CA TRP B 393 -43.08 7.43 0.06
C TRP B 393 -43.03 6.57 1.31
N VAL B 394 -42.55 7.14 2.41
CA VAL B 394 -42.56 6.45 3.69
C VAL B 394 -43.85 6.85 4.40
N GLN B 395 -44.80 5.93 4.48
CA GLN B 395 -46.06 6.25 5.13
C GLN B 395 -45.98 6.12 6.63
N ASN B 396 -45.23 5.14 7.13
CA ASN B 396 -45.00 5.00 8.56
C ASN B 396 -43.54 4.62 8.79
N GLN B 397 -42.99 5.06 9.92
CA GLN B 397 -41.58 4.88 10.21
C GLN B 397 -41.38 4.73 11.70
N GLY B 398 -40.43 3.89 12.10
CA GLY B 398 -40.16 3.67 13.51
C GLY B 398 -39.15 4.63 14.10
N ASN C 85 -14.23 22.18 17.94
CA ASN C 85 -15.06 20.98 17.94
C ASN C 85 -14.73 20.08 16.75
N ARG C 86 -13.44 19.95 16.45
CA ARG C 86 -12.95 18.97 15.47
C ARG C 86 -11.64 18.39 16.00
N PHE C 87 -11.54 17.06 15.92
CA PHE C 87 -10.42 16.34 16.54
C PHE C 87 -9.07 16.88 16.12
N HIS C 88 -8.91 17.34 14.88
CA HIS C 88 -7.60 17.80 14.44
C HIS C 88 -7.15 19.07 15.15
N CYS C 89 -8.04 19.71 15.91
CA CYS C 89 -7.61 20.80 16.77
C CYS C 89 -6.72 20.28 17.90
N HIS C 90 -7.16 19.22 18.57
CA HIS C 90 -6.53 18.74 19.79
C HIS C 90 -5.50 17.64 19.55
N PHE C 91 -5.44 17.05 18.36
CA PHE C 91 -4.56 15.93 18.09
C PHE C 91 -3.66 16.26 16.90
N SER C 92 -2.40 15.89 17.00
CA SER C 92 -1.54 15.88 15.84
C SER C 92 -1.78 14.59 15.06
N PRO C 93 -1.31 14.51 13.82
CA PRO C 93 -1.37 13.23 13.12
C PRO C 93 -0.65 12.12 13.84
N ARG C 94 0.53 12.38 14.38
CA ARG C 94 1.26 11.35 15.10
C ARG C 94 0.49 10.87 16.31
N ASP C 95 -0.06 11.80 17.10
CA ASP C 95 -0.84 11.40 18.27
C ASP C 95 -2.09 10.65 17.86
N TRP C 96 -2.80 11.16 16.86
CA TRP C 96 -3.99 10.46 16.38
C TRP C 96 -3.64 9.05 15.95
N GLN C 97 -2.54 8.86 15.21
CA GLN C 97 -2.08 7.52 14.89
C GLN C 97 -1.79 6.74 16.16
N ARG C 98 -0.99 7.32 17.06
CA ARG C 98 -0.70 6.69 18.34
C ARG C 98 -1.96 6.26 19.06
N LEU C 99 -2.98 7.12 19.04
CA LEU C 99 -4.25 6.78 19.67
C LEU C 99 -4.88 5.56 19.02
N ILE C 100 -5.14 5.62 17.72
CA ILE C 100 -6.03 4.66 17.08
C ILE C 100 -5.43 3.28 16.95
N ASN C 101 -4.11 3.16 16.89
CA ASN C 101 -3.52 1.84 16.73
C ASN C 101 -3.51 1.03 18.02
N ASN C 102 -3.41 1.68 19.18
CA ASN C 102 -3.24 0.95 20.43
C ASN C 102 -4.50 0.83 21.29
N ASN C 103 -5.64 1.40 20.92
CA ASN C 103 -6.73 1.54 21.87
C ASN C 103 -8.07 1.12 21.29
N TRP C 104 -8.96 0.62 22.16
CA TRP C 104 -10.31 0.23 21.75
C TRP C 104 -11.36 1.30 21.99
N GLY C 105 -10.98 2.47 22.49
CA GLY C 105 -11.98 3.50 22.72
C GLY C 105 -11.40 4.62 23.54
N PHE C 106 -12.14 5.73 23.57
CA PHE C 106 -11.72 6.88 24.34
C PHE C 106 -12.89 7.80 24.65
N GLY C 155 -22.74 23.02 17.12
CA GLY C 155 -22.35 21.70 16.64
C GLY C 155 -23.02 21.29 15.35
N SER C 156 -23.06 22.21 14.39
CA SER C 156 -23.59 21.96 13.06
C SER C 156 -22.53 21.61 12.04
N ALA C 157 -21.28 21.43 12.49
CA ALA C 157 -20.15 21.13 11.60
C ALA C 157 -19.88 22.28 10.64
N HIS C 158 -19.93 23.49 11.16
CA HIS C 158 -19.48 24.69 10.45
C HIS C 158 -17.96 24.79 10.47
N GLU C 159 -17.44 25.58 9.57
CA GLU C 159 -16.04 25.98 9.63
C GLU C 159 -15.86 26.97 10.80
N GLY C 160 -14.63 27.39 11.03
CA GLY C 160 -14.36 28.36 12.08
C GLY C 160 -13.64 27.83 13.30
N CYS C 161 -13.37 26.53 13.36
CA CYS C 161 -12.61 25.98 14.47
C CYS C 161 -11.14 26.37 14.38
N LEU C 162 -10.43 26.19 15.49
CA LEU C 162 -8.99 26.35 15.51
C LEU C 162 -8.37 25.53 14.37
N PRO C 163 -7.45 26.10 13.59
CA PRO C 163 -6.93 25.39 12.44
C PRO C 163 -6.07 24.22 12.89
N PRO C 164 -5.94 23.20 12.06
CA PRO C 164 -5.20 22.00 12.49
C PRO C 164 -3.73 22.25 12.71
N PHE C 165 -3.19 23.26 12.12
CA PHE C 165 -1.76 23.39 12.22
C PHE C 165 -1.40 24.53 13.15
N PRO C 166 -0.65 24.26 14.22
CA PRO C 166 -0.47 25.26 15.28
C PRO C 166 0.05 26.61 14.81
N ALA C 167 0.79 26.66 13.70
CA ALA C 167 1.36 27.92 13.28
C ALA C 167 0.39 28.77 12.47
N ASP C 168 -0.84 28.33 12.31
CA ASP C 168 -1.80 29.06 11.49
C ASP C 168 -2.64 30.00 12.34
N VAL C 169 -2.60 31.29 11.99
CA VAL C 169 -3.42 32.31 12.60
C VAL C 169 -4.79 32.26 11.95
N PHE C 170 -5.85 32.22 12.77
CA PHE C 170 -7.20 32.07 12.24
C PHE C 170 -8.07 33.23 12.68
N MET C 171 -9.19 33.38 12.00
CA MET C 171 -10.09 34.49 12.21
C MET C 171 -11.18 34.14 13.19
N HIS C 221 -16.90 5.86 22.84
CA HIS C 221 -16.94 5.64 21.40
C HIS C 221 -16.06 4.48 21.00
N SER C 222 -16.67 3.46 20.40
CA SER C 222 -15.92 2.28 19.97
C SER C 222 -15.03 2.62 18.80
N SER C 223 -13.78 2.19 18.87
CA SER C 223 -12.83 2.44 17.80
C SER C 223 -12.15 1.13 17.48
N TYR C 224 -12.93 0.20 16.94
CA TYR C 224 -12.43 -1.11 16.58
C TYR C 224 -13.37 -1.69 15.53
N ALA C 225 -12.91 -2.70 14.82
CA ALA C 225 -13.74 -3.35 13.82
C ALA C 225 -14.04 -4.76 14.26
N HIS C 226 -15.30 -5.18 14.18
CA HIS C 226 -15.63 -6.53 14.60
C HIS C 226 -14.93 -7.54 13.72
N SER C 227 -14.42 -8.61 14.34
CA SER C 227 -13.72 -9.66 13.61
C SER C 227 -14.68 -10.77 13.21
N GLN C 228 -15.92 -10.65 13.67
CA GLN C 228 -16.96 -11.60 13.31
C GLN C 228 -18.15 -10.84 12.76
N SER C 229 -18.88 -11.48 11.87
CA SER C 229 -20.08 -10.92 11.27
C SER C 229 -21.30 -11.48 11.97
N LEU C 230 -22.33 -10.64 12.06
CA LEU C 230 -23.50 -10.96 12.88
C LEU C 230 -24.07 -12.33 12.54
N ASP C 231 -24.00 -12.74 11.29
CA ASP C 231 -24.63 -13.97 10.84
C ASP C 231 -23.74 -15.20 10.95
N ARG C 232 -22.45 -15.04 11.19
CA ARG C 232 -21.52 -16.17 11.32
C ARG C 232 -21.17 -16.54 12.76
N LEU C 233 -21.86 -15.97 13.76
CA LEU C 233 -21.56 -16.21 15.17
C LEU C 233 -21.57 -17.68 15.58
N MET C 234 -22.18 -18.56 14.80
CA MET C 234 -22.39 -19.96 15.13
C MET C 234 -21.08 -20.74 15.22
N ASN C 235 -21.17 -21.91 15.84
CA ASN C 235 -20.10 -22.89 15.73
C ASN C 235 -20.27 -23.67 14.44
N PRO C 236 -19.31 -23.60 13.51
CA PRO C 236 -19.48 -24.28 12.22
C PRO C 236 -19.49 -25.79 12.30
N LEU C 237 -19.12 -26.38 13.43
CA LEU C 237 -18.91 -27.82 13.48
C LEU C 237 -20.12 -28.62 13.93
N ILE C 238 -21.16 -27.98 14.46
CA ILE C 238 -22.21 -28.70 15.17
C ILE C 238 -23.57 -28.31 14.61
N ASP C 239 -24.47 -29.29 14.52
CA ASP C 239 -25.85 -29.07 14.15
C ASP C 239 -26.59 -28.30 15.23
N GLN C 240 -27.75 -27.77 14.86
CA GLN C 240 -28.71 -27.31 15.84
C GLN C 240 -29.75 -28.38 16.12
N LEU C 242 -32.95 -27.39 16.52
CA LEU C 242 -33.99 -26.70 15.77
C LEU C 242 -34.10 -27.21 14.33
N TYR C 243 -35.23 -26.90 13.71
CA TYR C 243 -35.61 -27.42 12.40
C TYR C 243 -36.17 -26.30 11.53
N TYR C 244 -36.02 -26.47 10.23
CA TYR C 244 -36.59 -25.54 9.27
C TYR C 244 -37.34 -26.33 8.21
N LEU C 245 -38.16 -25.62 7.43
CA LEU C 245 -39.03 -26.25 6.45
C LEU C 245 -38.33 -26.30 5.10
N SER C 246 -37.91 -27.49 4.69
CA SER C 246 -37.14 -27.64 3.45
C SER C 246 -38.00 -27.75 2.19
N LYS C 247 -39.06 -28.55 2.21
CA LYS C 247 -39.79 -28.87 0.98
C LYS C 247 -41.28 -28.65 1.17
N THR C 248 -41.88 -27.88 0.27
CA THR C 248 -43.32 -27.72 0.25
C THR C 248 -44.02 -28.55 -0.83
N ILE C 249 -43.29 -29.27 -1.69
CA ILE C 249 -43.89 -30.20 -2.64
C ILE C 249 -43.00 -31.42 -2.79
N ASN C 250 -43.60 -32.51 -3.25
CA ASN C 250 -42.83 -33.73 -3.47
C ASN C 250 -42.06 -33.67 -4.77
N GLY C 251 -42.67 -33.11 -5.82
CA GLY C 251 -42.03 -33.06 -7.12
C GLY C 251 -42.89 -32.31 -8.10
N SER C 252 -42.61 -32.56 -9.37
CA SER C 252 -43.33 -31.88 -10.44
C SER C 252 -44.55 -32.68 -10.87
N GLY C 253 -45.72 -32.05 -10.81
CA GLY C 253 -46.96 -32.70 -11.14
C GLY C 253 -48.12 -32.03 -10.44
N GLN C 254 -49.18 -32.80 -10.24
CA GLN C 254 -50.38 -32.33 -9.57
C GLN C 254 -50.47 -32.91 -8.16
N ASN C 255 -51.08 -32.14 -7.26
CA ASN C 255 -51.41 -32.62 -5.92
C ASN C 255 -50.16 -33.04 -5.17
N GLN C 256 -49.08 -32.29 -5.35
CA GLN C 256 -47.80 -32.63 -4.76
C GLN C 256 -47.55 -31.93 -3.43
N GLN C 257 -48.53 -31.20 -2.91
CA GLN C 257 -48.35 -30.48 -1.66
C GLN C 257 -47.82 -31.41 -0.58
N THR C 258 -46.83 -30.93 0.17
CA THR C 258 -46.27 -31.69 1.27
C THR C 258 -45.61 -30.72 2.23
N LEU C 259 -45.29 -31.23 3.42
CA LEU C 259 -44.45 -30.52 4.38
C LEU C 259 -43.30 -31.43 4.75
N LYS C 260 -42.07 -30.98 4.50
CA LYS C 260 -40.87 -31.68 4.90
C LYS C 260 -40.02 -30.76 5.76
N PHE C 261 -39.08 -31.33 6.50
CA PHE C 261 -38.27 -30.58 7.43
C PHE C 261 -36.85 -31.13 7.42
N SER C 262 -35.93 -30.33 7.96
CA SER C 262 -34.54 -30.71 8.04
C SER C 262 -33.88 -29.95 9.18
N VAL C 263 -32.78 -30.51 9.66
CA VAL C 263 -32.02 -29.90 10.75
C VAL C 263 -31.23 -28.72 10.21
N ALA C 264 -31.26 -27.60 10.92
CA ALA C 264 -30.35 -26.51 10.63
C ALA C 264 -28.95 -26.94 11.04
N GLY C 265 -27.98 -26.76 10.14
CA GLY C 265 -26.67 -27.29 10.39
C GLY C 265 -25.55 -26.51 9.72
N PRO C 266 -24.33 -27.01 9.87
CA PRO C 266 -23.21 -26.43 9.14
C PRO C 266 -23.42 -26.37 7.65
N SER C 267 -24.00 -27.42 7.06
CA SER C 267 -24.16 -27.48 5.62
C SER C 267 -24.91 -26.28 5.08
N ASN C 268 -26.01 -25.90 5.72
CA ASN C 268 -26.78 -24.72 5.33
C ASN C 268 -26.82 -23.77 6.52
N MET C 269 -26.07 -22.68 6.44
CA MET C 269 -26.01 -21.70 7.52
C MET C 269 -26.99 -20.55 7.35
N ALA C 270 -27.66 -20.44 6.20
CA ALA C 270 -28.53 -19.29 5.99
C ALA C 270 -29.81 -19.41 6.79
N VAL C 271 -30.24 -20.65 7.08
CA VAL C 271 -31.56 -20.89 7.64
C VAL C 271 -31.55 -21.05 9.15
N GLN C 272 -30.39 -21.05 9.79
CA GLN C 272 -30.35 -21.25 11.22
C GLN C 272 -31.03 -20.09 11.95
N GLY C 273 -31.66 -20.41 13.08
CA GLY C 273 -32.25 -19.37 13.91
C GLY C 273 -31.18 -18.64 14.69
N ARG C 274 -31.34 -17.33 14.80
CA ARG C 274 -30.35 -16.47 15.43
C ARG C 274 -31.04 -15.53 16.42
N ASN C 275 -30.31 -15.20 17.47
CA ASN C 275 -30.84 -14.35 18.53
C ASN C 275 -30.95 -12.89 18.13
N TYR C 276 -29.93 -12.35 17.46
CA TYR C 276 -29.88 -10.93 17.19
C TYR C 276 -29.90 -10.70 15.69
N ILE C 277 -30.36 -9.52 15.29
CA ILE C 277 -30.56 -9.18 13.89
C ILE C 277 -29.93 -7.83 13.61
N PRO C 278 -29.57 -7.54 12.37
CA PRO C 278 -28.86 -6.30 12.08
C PRO C 278 -29.74 -5.07 12.22
N GLY C 279 -29.07 -3.93 12.42
CA GLY C 279 -29.72 -2.71 12.83
C GLY C 279 -30.59 -2.06 11.78
N PRO C 280 -31.08 -0.86 12.10
CA PRO C 280 -32.05 -0.20 11.21
C PRO C 280 -31.42 0.30 9.92
N SER C 281 -32.29 0.55 8.95
CA SER C 281 -31.86 0.89 7.60
C SER C 281 -32.82 1.90 6.99
N TYR C 282 -32.26 2.84 6.23
CA TYR C 282 -33.04 3.78 5.43
C TYR C 282 -32.29 3.89 4.11
N ARG C 283 -32.89 3.45 3.00
CA ARG C 283 -32.07 3.24 1.81
C ARG C 283 -31.66 4.55 1.16
N GLN C 284 -30.39 4.64 0.78
CA GLN C 284 -29.85 5.71 -0.04
C GLN C 284 -29.70 5.22 -1.48
N GLN C 285 -29.92 6.10 -2.43
CA GLN C 285 -29.64 5.78 -3.81
C GLN C 285 -28.15 5.58 -4.01
N ARG C 286 -27.78 4.63 -4.86
CA ARG C 286 -26.39 4.26 -5.06
C ARG C 286 -25.81 5.05 -6.22
N VAL C 287 -24.60 5.57 -6.03
CA VAL C 287 -23.91 6.36 -7.04
C VAL C 287 -22.53 5.76 -7.25
N SER C 288 -22.06 5.78 -8.49
CA SER C 288 -20.75 5.26 -8.81
C SER C 288 -19.82 6.41 -9.15
N THR C 289 -18.59 6.37 -8.64
CA THR C 289 -17.63 7.44 -8.92
C THR C 289 -17.30 7.49 -10.39
N THR C 290 -17.17 6.33 -11.05
CA THR C 290 -16.87 6.35 -12.47
C THR C 290 -18.21 6.69 -13.10
N VAL C 291 -18.23 7.77 -13.87
CA VAL C 291 -19.45 8.28 -14.49
C VAL C 291 -20.20 7.43 -15.50
N THR C 292 -19.49 6.73 -16.39
CA THR C 292 -20.13 5.92 -17.41
C THR C 292 -21.13 4.92 -16.83
N GLN C 293 -21.00 4.61 -15.55
CA GLN C 293 -21.91 3.70 -14.89
C GLN C 293 -23.21 4.37 -14.48
N ASN C 294 -23.13 5.61 -14.01
CA ASN C 294 -24.32 6.36 -13.58
C ASN C 294 -25.32 6.66 -14.69
N ASN C 295 -26.55 6.94 -14.30
CA ASN C 295 -27.62 7.24 -15.25
C ASN C 295 -27.50 8.63 -15.81
N ASN C 296 -27.87 8.80 -17.08
CA ASN C 296 -27.79 10.11 -17.72
C ASN C 296 -29.03 10.95 -17.44
N SER C 297 -29.15 11.41 -16.20
CA SER C 297 -30.27 12.25 -15.80
C SER C 297 -29.88 13.02 -14.57
N GLU C 298 -30.62 14.07 -14.25
CA GLU C 298 -30.30 14.83 -13.06
C GLU C 298 -31.03 14.24 -11.87
N PHE C 299 -30.34 13.40 -11.11
CA PHE C 299 -30.94 12.75 -9.96
C PHE C 299 -30.35 13.21 -8.63
N ALA C 300 -29.58 14.30 -8.65
CA ALA C 300 -28.97 14.81 -7.42
C ALA C 300 -30.02 15.06 -6.35
N TRP C 301 -30.94 15.98 -6.61
CA TRP C 301 -32.04 16.25 -5.68
C TRP C 301 -33.19 15.27 -5.82
N PRO C 302 -33.73 15.01 -7.03
CA PRO C 302 -34.92 14.15 -7.10
C PRO C 302 -34.71 12.75 -6.57
N GLY C 303 -33.57 12.14 -6.85
CA GLY C 303 -33.36 10.75 -6.53
C GLY C 303 -32.76 10.50 -5.15
N ALA C 304 -32.98 11.41 -4.22
CA ALA C 304 -32.30 11.36 -2.94
C ALA C 304 -33.27 11.09 -1.79
N SER C 305 -32.73 10.57 -0.70
CA SER C 305 -33.52 10.31 0.50
C SER C 305 -33.73 11.58 1.28
N SER C 306 -35.00 11.95 1.47
CA SER C 306 -35.33 13.16 2.19
C SER C 306 -36.40 12.87 3.22
N TRP C 307 -36.51 13.76 4.20
CA TRP C 307 -37.62 13.74 5.14
C TRP C 307 -38.28 15.10 5.19
N ALA C 308 -39.53 15.11 5.66
CA ALA C 308 -40.34 16.32 5.70
C ALA C 308 -40.57 16.73 7.15
N LEU C 309 -40.73 18.03 7.36
CA LEU C 309 -40.93 18.53 8.71
C LEU C 309 -42.07 19.55 8.76
N GLY C 311 -43.83 20.93 6.48
CA GLY C 311 -44.19 21.18 5.10
C GLY C 311 -43.00 21.31 4.18
N ARG C 312 -41.83 21.48 4.77
CA ARG C 312 -40.58 21.57 4.04
C ARG C 312 -39.92 20.19 3.99
N ASN C 313 -39.27 19.91 2.86
CA ASN C 313 -38.50 18.68 2.70
C ASN C 313 -37.02 18.97 2.89
N SER C 314 -36.35 18.11 3.63
CA SER C 314 -34.93 18.24 3.91
C SER C 314 -34.23 16.93 3.59
N LEU C 315 -33.01 17.04 3.07
CA LEU C 315 -32.26 15.84 2.68
C LEU C 315 -31.87 15.04 3.91
N MET C 316 -31.82 13.73 3.77
CA MET C 316 -31.34 12.87 4.84
C MET C 316 -29.84 12.73 4.66
N ASN C 317 -29.10 13.41 5.53
CA ASN C 317 -27.66 13.42 5.47
C ASN C 317 -27.13 13.52 6.90
N PRO C 318 -26.11 12.73 7.26
CA PRO C 318 -25.70 11.47 6.64
C PRO C 318 -26.70 10.34 6.92
N GLY C 319 -27.57 10.52 7.91
CA GLY C 319 -28.61 9.57 8.18
C GLY C 319 -28.19 8.50 9.17
N PRO C 320 -28.94 7.40 9.22
CA PRO C 320 -28.54 6.27 10.06
C PRO C 320 -27.20 5.72 9.62
N ALA C 321 -26.50 5.08 10.55
CA ALA C 321 -25.18 4.54 10.26
C ALA C 321 -25.33 3.23 9.51
N MET C 322 -24.79 3.17 8.30
CA MET C 322 -24.90 2.00 7.45
C MET C 322 -23.63 1.84 6.64
N ALA C 323 -23.34 0.59 6.26
CA ALA C 323 -22.16 0.31 5.46
C ALA C 323 -22.26 1.03 4.12
N SER C 324 -21.14 1.59 3.67
CA SER C 324 -21.16 2.40 2.47
C SER C 324 -21.46 1.56 1.24
N HIS C 325 -20.94 0.35 1.19
CA HIS C 325 -21.09 -0.49 0.02
C HIS C 325 -20.83 -1.93 0.40
N LYS C 326 -21.29 -2.84 -0.46
CA LYS C 326 -21.03 -4.24 -0.23
C LYS C 326 -19.54 -4.53 -0.37
N GLU C 327 -19.13 -5.67 0.19
CA GLU C 327 -17.70 -5.97 0.28
C GLU C 327 -17.05 -6.01 -1.10
N GLY C 328 -15.98 -5.23 -1.24
CA GLY C 328 -15.22 -5.16 -2.47
C GLY C 328 -15.52 -4.01 -3.42
N GLU C 329 -16.74 -3.50 -3.39
CA GLU C 329 -17.16 -2.42 -4.28
C GLU C 329 -16.87 -1.00 -3.82
N ASP C 330 -15.62 -0.57 -3.84
CA ASP C 330 -15.28 0.77 -3.38
C ASP C 330 -15.78 1.93 -4.27
N ARG C 331 -15.85 1.71 -5.57
CA ARG C 331 -16.32 2.74 -6.51
C ARG C 331 -17.75 3.23 -6.34
N PHE C 332 -18.48 2.65 -5.40
CA PHE C 332 -19.85 3.06 -5.13
C PHE C 332 -19.97 3.74 -3.77
N PHE C 333 -20.79 4.78 -3.69
CA PHE C 333 -20.99 5.45 -2.41
C PHE C 333 -22.46 5.84 -2.29
N PRO C 334 -23.00 5.80 -1.06
CA PRO C 334 -24.40 6.19 -0.86
C PRO C 334 -24.50 7.68 -1.16
N LEU C 335 -25.59 8.12 -1.78
CA LEU C 335 -25.67 9.51 -2.18
C LEU C 335 -25.58 10.53 -1.06
N SER C 336 -26.29 10.32 0.04
CA SER C 336 -26.23 11.26 1.15
C SER C 336 -25.82 10.63 2.48
N GLY C 337 -25.37 9.38 2.44
CA GLY C 337 -25.00 8.65 3.63
C GLY C 337 -23.58 8.76 4.15
N SER C 338 -22.75 9.55 3.49
CA SER C 338 -21.36 9.67 3.91
C SER C 338 -20.90 11.10 4.15
N LEU C 339 -19.89 11.25 5.00
CA LEU C 339 -19.33 12.55 5.29
C LEU C 339 -18.32 12.85 4.21
N ILE C 340 -18.55 13.90 3.44
CA ILE C 340 -17.67 14.27 2.35
C ILE C 340 -16.86 15.49 2.78
N PHE C 341 -15.59 15.29 3.04
CA PHE C 341 -14.64 16.36 3.28
C PHE C 341 -14.18 16.89 1.93
N GLY C 342 -13.17 17.75 1.96
CA GLY C 342 -12.65 18.33 0.76
C GLY C 342 -11.15 18.49 0.87
N LYS C 343 -10.46 18.39 -0.26
CA LYS C 343 -9.02 18.53 -0.29
C LYS C 343 -8.59 19.97 -0.05
N GLN C 344 -7.37 20.18 0.40
CA GLN C 344 -6.92 21.54 0.63
C GLN C 344 -6.96 22.32 -0.67
N GLY C 345 -7.48 23.54 -0.61
CA GLY C 345 -7.56 24.40 -1.78
C GLY C 345 -8.76 24.15 -2.68
N THR C 346 -9.65 23.25 -2.28
CA THR C 346 -10.84 22.94 -3.07
C THR C 346 -11.75 24.17 -3.16
N GLY C 347 -12.44 24.34 -4.28
CA GLY C 347 -13.32 25.46 -4.53
C GLY C 347 -14.64 25.30 -3.80
N ARG C 348 -15.46 26.35 -3.87
CA ARG C 348 -16.72 26.31 -3.13
C ARG C 348 -17.78 25.53 -3.88
N ASP C 349 -17.82 25.62 -5.20
CA ASP C 349 -18.92 25.12 -5.99
C ASP C 349 -18.45 24.22 -7.12
N ASN C 350 -19.17 23.12 -7.31
CA ASN C 350 -19.07 22.30 -8.53
C ASN C 350 -17.66 21.77 -8.75
N VAL C 351 -17.05 21.30 -7.68
CA VAL C 351 -15.73 20.72 -7.78
C VAL C 351 -15.89 19.26 -8.19
N ASP C 352 -14.87 18.71 -8.82
CA ASP C 352 -14.89 17.33 -9.28
C ASP C 352 -14.72 16.31 -8.15
N ALA C 353 -14.99 15.05 -8.44
CA ALA C 353 -14.93 13.98 -7.44
C ALA C 353 -13.55 13.84 -6.81
N ASP C 354 -12.50 14.04 -7.60
CA ASP C 354 -11.13 13.92 -7.11
C ASP C 354 -10.83 15.05 -6.13
N LYS C 355 -11.54 16.16 -6.29
CA LYS C 355 -11.39 17.32 -5.44
C LYS C 355 -11.77 17.11 -3.98
N VAL C 356 -12.84 16.38 -3.74
CA VAL C 356 -13.33 16.17 -2.38
C VAL C 356 -13.28 14.73 -1.88
N MET C 357 -12.85 14.54 -0.64
CA MET C 357 -12.76 13.22 -0.03
C MET C 357 -14.11 12.68 0.43
N ILE C 358 -14.35 11.40 0.18
CA ILE C 358 -15.59 10.75 0.57
C ILE C 358 -15.28 9.56 1.45
N THR C 359 -15.60 9.68 2.73
CA THR C 359 -15.34 8.59 3.68
C THR C 359 -16.24 7.40 3.45
N ASN C 360 -15.72 6.20 3.66
CA ASN C 360 -16.53 5.01 3.47
C ASN C 360 -16.51 4.16 4.73
N GLU C 361 -17.69 3.87 5.27
CA GLU C 361 -17.79 3.06 6.48
C GLU C 361 -17.79 1.57 6.15
N GLU C 362 -16.65 1.03 5.77
CA GLU C 362 -16.56 -0.38 5.43
C GLU C 362 -16.63 -1.29 6.65
N GLU C 363 -16.13 -0.80 7.79
CA GLU C 363 -16.11 -1.57 9.03
C GLU C 363 -17.46 -1.97 9.60
N ILE C 364 -18.45 -1.10 9.48
CA ILE C 364 -19.78 -1.32 10.05
C ILE C 364 -20.69 -2.33 9.36
N LYS C 365 -20.26 -2.89 8.23
CA LYS C 365 -21.06 -3.87 7.50
C LYS C 365 -21.40 -5.12 8.32
N THR C 366 -20.46 -5.56 9.16
CA THR C 366 -20.68 -6.71 10.03
C THR C 366 -22.02 -6.65 10.79
N THR C 367 -22.30 -5.56 11.48
CA THR C 367 -23.56 -5.42 12.20
C THR C 367 -24.62 -4.63 11.45
N ASN C 368 -24.26 -3.92 10.39
CA ASN C 368 -25.21 -2.98 9.81
C ASN C 368 -25.51 -3.31 8.36
N PRO C 369 -26.72 -3.06 7.91
CA PRO C 369 -27.03 -3.29 6.50
C PRO C 369 -26.39 -2.24 5.62
N VAL C 370 -26.14 -2.62 4.37
CA VAL C 370 -25.53 -1.71 3.41
C VAL C 370 -26.54 -0.62 3.04
N ALA C 371 -26.07 0.62 3.02
CA ALA C 371 -26.97 1.76 2.86
C ALA C 371 -27.71 1.74 1.54
N THR C 372 -27.18 1.06 0.53
CA THR C 372 -27.79 1.02 -0.78
C THR C 372 -28.63 -0.23 -1.03
N GLU C 373 -28.68 -1.14 -0.07
CA GLU C 373 -29.43 -2.39 -0.19
C GLU C 373 -30.66 -2.35 0.70
N SER C 374 -31.71 -3.03 0.28
CA SER C 374 -32.90 -3.16 1.11
C SER C 374 -32.59 -3.99 2.34
N TYR C 375 -33.43 -3.84 3.36
CA TYR C 375 -33.19 -4.56 4.60
C TYR C 375 -33.50 -6.04 4.46
N GLY C 376 -34.58 -6.36 3.74
CA GLY C 376 -34.94 -7.75 3.56
C GLY C 376 -36.28 -7.86 2.86
N GLN C 377 -36.90 -9.03 2.98
CA GLN C 377 -38.21 -9.28 2.40
C GLN C 377 -39.21 -9.65 3.48
N VAL C 378 -40.47 -9.37 3.20
CA VAL C 378 -41.59 -9.75 4.04
C VAL C 378 -42.59 -10.49 3.18
N ALA C 379 -43.56 -11.14 3.82
CA ALA C 379 -44.66 -11.75 3.11
C ALA C 379 -45.76 -10.72 2.92
N THR C 380 -46.29 -10.62 1.70
CA THR C 380 -47.35 -9.67 1.40
C THR C 380 -48.75 -10.27 1.40
N ASN C 381 -48.89 -11.58 1.58
CA ASN C 381 -50.21 -12.17 1.44
C ASN C 381 -50.24 -13.51 2.18
N HIS C 382 -51.37 -14.18 2.08
CA HIS C 382 -51.55 -15.53 2.60
C HIS C 382 -51.66 -16.48 1.42
N GLN C 383 -50.77 -17.45 1.36
CA GLN C 383 -50.84 -18.44 0.30
C GLN C 383 -52.07 -19.34 0.48
N SER C 384 -52.47 -19.97 -0.61
CA SER C 384 -53.56 -20.92 -0.61
C SER C 384 -53.41 -21.76 -1.88
N ALA C 385 -54.31 -22.72 -2.05
CA ALA C 385 -54.25 -23.57 -3.23
C ALA C 385 -54.23 -22.74 -4.51
N GLN C 386 -54.92 -21.60 -4.53
CA GLN C 386 -54.97 -20.75 -5.71
C GLN C 386 -54.02 -19.56 -5.65
N ALA C 387 -53.29 -19.37 -4.56
CA ALA C 387 -52.49 -18.16 -4.40
C ALA C 387 -51.05 -18.51 -4.08
N GLN C 388 -50.12 -17.94 -4.83
CA GLN C 388 -48.70 -18.16 -4.59
C GLN C 388 -48.20 -17.27 -3.46
N ALA C 389 -47.15 -17.74 -2.79
CA ALA C 389 -46.52 -16.92 -1.77
C ALA C 389 -45.90 -15.68 -2.40
N GLN C 390 -46.26 -14.52 -1.88
CA GLN C 390 -45.85 -13.25 -2.46
C GLN C 390 -45.11 -12.42 -1.42
N THR C 391 -44.04 -11.76 -1.86
CA THR C 391 -43.15 -11.04 -0.97
C THR C 391 -42.98 -9.61 -1.45
N GLY C 392 -42.39 -8.80 -0.58
CA GLY C 392 -42.06 -7.43 -0.92
C GLY C 392 -40.82 -7.00 -0.20
N TRP C 393 -40.17 -5.97 -0.73
CA TRP C 393 -38.90 -5.52 -0.20
C TRP C 393 -39.11 -4.52 0.93
N VAL C 394 -38.26 -4.60 1.94
CA VAL C 394 -38.28 -3.64 3.03
C VAL C 394 -37.27 -2.55 2.71
N GLN C 395 -37.75 -1.36 2.38
CA GLN C 395 -36.83 -0.29 2.05
C GLN C 395 -36.28 0.37 3.29
N ASN C 396 -37.11 0.55 4.30
CA ASN C 396 -36.71 1.15 5.56
C ASN C 396 -37.31 0.35 6.70
N GLN C 397 -36.52 0.11 7.73
CA GLN C 397 -36.96 -0.68 8.87
C GLN C 397 -36.50 -0.03 10.16
N GLY C 398 -37.47 0.29 11.03
CA GLY C 398 -37.16 0.85 12.32
C GLY C 398 -36.59 -0.19 13.26
N ILE C 399 -36.60 0.14 14.55
CA ILE C 399 -36.03 -0.76 15.53
C ILE C 399 -36.98 -1.92 15.79
N LEU C 400 -36.42 -3.12 15.87
CA LEU C 400 -37.07 -4.33 16.32
C LEU C 400 -36.25 -4.92 17.46
N PRO C 401 -36.89 -5.50 18.47
CA PRO C 401 -36.12 -6.08 19.58
C PRO C 401 -35.11 -7.09 19.06
N GLY C 402 -33.86 -6.92 19.48
CA GLY C 402 -32.79 -7.75 19.01
C GLY C 402 -31.82 -7.10 18.04
N MET C 403 -32.12 -5.90 17.55
CA MET C 403 -31.19 -5.20 16.69
C MET C 403 -29.98 -4.72 17.47
N VAL C 404 -28.80 -5.09 16.98
CA VAL C 404 -27.55 -4.52 17.44
C VAL C 404 -26.91 -3.80 16.28
N TRP C 405 -26.12 -2.76 16.58
CA TRP C 405 -25.53 -1.99 15.51
C TRP C 405 -24.31 -1.24 16.02
N GLN C 406 -23.56 -0.70 15.07
CA GLN C 406 -22.43 0.18 15.32
C GLN C 406 -22.79 1.58 14.84
N ASP C 407 -22.10 2.58 15.40
CA ASP C 407 -22.37 3.95 15.04
C ASP C 407 -21.29 4.46 14.09
N ARG C 408 -21.46 5.68 13.62
CA ARG C 408 -20.57 6.26 12.63
C ARG C 408 -19.23 6.61 13.26
N ASP C 409 -18.16 6.24 12.58
CA ASP C 409 -16.82 6.45 13.10
C ASP C 409 -16.50 7.93 13.15
N VAL C 410 -15.52 8.28 13.96
CA VAL C 410 -15.07 9.66 14.08
C VAL C 410 -13.77 9.82 13.30
N TYR C 411 -13.62 10.97 12.67
CA TYR C 411 -12.48 11.24 11.81
C TYR C 411 -11.66 12.37 12.39
N LEU C 412 -10.35 12.33 12.11
CA LEU C 412 -9.46 13.41 12.52
C LEU C 412 -10.01 14.76 12.11
N GLN C 413 -10.69 14.83 10.97
CA GLN C 413 -11.32 16.05 10.52
C GLN C 413 -12.72 16.22 11.05
N GLY C 414 -13.25 15.26 11.80
CA GLY C 414 -14.65 15.23 12.12
C GLY C 414 -14.97 15.82 13.47
N PRO C 415 -16.23 16.14 13.68
CA PRO C 415 -16.64 16.79 14.93
C PRO C 415 -16.47 15.86 16.13
N ILE C 416 -16.49 16.47 17.31
CA ILE C 416 -16.27 15.72 18.54
C ILE C 416 -17.61 15.46 19.23
N TRP C 417 -18.28 16.53 19.67
CA TRP C 417 -19.60 16.38 20.28
C TRP C 417 -20.64 17.10 19.45
N LEU C 485 -8.94 6.54 28.01
CA LEU C 485 -8.56 5.49 27.08
C LEU C 485 -8.93 4.11 27.60
N GLN C 486 -9.40 3.25 26.70
CA GLN C 486 -9.59 1.84 26.99
C GLN C 486 -8.54 1.06 26.22
N LYS C 487 -7.65 0.38 26.94
CA LYS C 487 -6.59 -0.37 26.31
C LYS C 487 -7.12 -1.65 25.68
N GLU C 488 -6.35 -2.15 24.72
CA GLU C 488 -6.68 -3.34 23.95
C GLU C 488 -6.33 -4.61 24.70
N ASN C 489 -7.33 -5.47 24.91
CA ASN C 489 -7.23 -6.70 25.68
C ASN C 489 -7.06 -7.97 24.83
N SER C 490 -6.95 -7.85 23.51
CA SER C 490 -7.21 -8.98 22.62
C SER C 490 -6.18 -10.10 22.76
N LYS C 491 -6.65 -11.33 22.58
CA LYS C 491 -5.81 -12.54 22.54
C LYS C 491 -5.49 -13.00 21.12
N ARG C 492 -5.88 -12.24 20.09
CA ARG C 492 -5.61 -12.62 18.71
C ARG C 492 -4.15 -12.94 18.47
N TRP C 493 -3.90 -14.00 17.69
CA TRP C 493 -2.54 -14.44 17.41
C TRP C 493 -1.88 -13.63 16.30
N ASN C 494 -2.59 -13.42 15.18
CA ASN C 494 -1.96 -12.82 14.02
C ASN C 494 -2.08 -11.30 14.06
N PRO C 495 -1.15 -10.59 13.42
CA PRO C 495 -1.04 -9.15 13.64
C PRO C 495 -2.21 -8.37 13.06
N GLU C 496 -2.43 -7.19 13.64
CA GLU C 496 -3.55 -6.32 13.30
C GLU C 496 -3.30 -5.54 12.03
N ILE C 497 -4.39 -5.06 11.43
CA ILE C 497 -4.31 -3.98 10.48
C ILE C 497 -4.14 -2.67 11.23
N GLN C 498 -3.04 -1.97 10.96
CA GLN C 498 -2.74 -0.73 11.66
C GLN C 498 -2.57 0.42 10.69
N TYR C 499 -3.01 1.61 11.06
CA TYR C 499 -2.83 2.75 10.18
C TYR C 499 -1.34 2.99 10.04
N THR C 500 -0.87 3.23 8.83
CA THR C 500 0.55 3.46 8.61
C THR C 500 0.79 4.35 7.40
N SER C 501 1.99 4.91 7.33
CA SER C 501 2.33 5.76 6.20
C SER C 501 3.28 4.99 5.31
N ASN C 502 2.94 4.87 4.04
CA ASN C 502 3.76 4.11 3.10
C ASN C 502 5.13 4.73 2.88
N TYR C 503 6.15 3.89 2.82
CA TYR C 503 7.49 4.37 2.60
C TYR C 503 7.81 4.30 1.11
N TYR C 504 7.60 5.41 0.41
CA TYR C 504 7.92 5.48 -1.00
C TYR C 504 8.28 6.92 -1.31
N LYS C 505 9.21 7.14 -2.23
CA LYS C 505 9.59 8.50 -2.56
C LYS C 505 8.41 9.29 -3.10
N SER C 506 8.30 10.53 -2.68
CA SER C 506 7.21 11.40 -3.09
C SER C 506 7.66 12.85 -2.96
N ASN C 507 6.92 13.74 -3.62
CA ASN C 507 7.29 15.15 -3.62
C ASN C 507 7.17 15.75 -2.24
N ASN C 508 6.07 15.49 -1.55
CA ASN C 508 5.78 16.11 -0.27
C ASN C 508 5.62 15.04 0.79
N VAL C 509 5.98 15.38 2.02
CA VAL C 509 5.62 14.55 3.16
C VAL C 509 4.15 14.74 3.46
N GLU C 510 3.44 13.64 3.67
CA GLU C 510 2.03 13.74 4.00
C GLU C 510 1.85 14.30 5.40
N PHE C 511 0.80 15.11 5.57
CA PHE C 511 0.58 15.85 6.80
C PHE C 511 1.76 16.74 7.13
N ALA C 512 2.16 17.57 6.17
CA ALA C 512 3.26 18.49 6.35
C ALA C 512 3.09 19.62 5.34
N VAL C 513 3.83 20.70 5.57
CA VAL C 513 3.73 21.87 4.70
C VAL C 513 4.39 21.57 3.36
N ASN C 514 3.90 22.21 2.31
CA ASN C 514 4.53 22.14 1.01
C ASN C 514 5.59 23.23 0.89
N THR C 515 6.08 23.42 -0.34
CA THR C 515 7.13 24.40 -0.55
C THR C 515 6.62 25.82 -0.31
N GLU C 516 5.31 26.01 -0.39
CA GLU C 516 4.75 27.33 -0.17
C GLU C 516 4.22 27.50 1.24
N GLY C 517 4.33 26.47 2.07
CA GLY C 517 3.95 26.57 3.46
C GLY C 517 2.50 26.27 3.76
N VAL C 518 1.78 25.62 2.85
CA VAL C 518 0.39 25.29 3.12
C VAL C 518 0.29 23.89 3.70
N TYR C 519 -0.15 23.81 4.95
CA TYR C 519 -0.38 22.54 5.62
C TYR C 519 -1.55 21.84 4.93
N SER C 520 -1.38 20.55 4.66
CA SER C 520 -2.36 19.80 3.92
C SER C 520 -2.63 18.48 4.61
N GLU C 521 -3.89 18.09 4.61
CA GLU C 521 -4.31 16.78 5.08
C GLU C 521 -4.68 15.93 3.88
N PRO C 522 -3.90 14.90 3.56
CA PRO C 522 -4.14 14.16 2.31
C PRO C 522 -5.43 13.37 2.31
N ARG C 523 -5.77 12.72 3.41
CA ARG C 523 -6.89 11.77 3.41
C ARG C 523 -7.63 11.88 4.72
N PRO C 524 -8.90 11.48 4.76
CA PRO C 524 -9.57 11.32 6.05
C PRO C 524 -9.00 10.14 6.77
N ILE C 525 -9.01 10.21 8.10
CA ILE C 525 -8.60 9.09 8.94
C ILE C 525 -9.66 8.91 10.02
N GLY C 526 -10.37 7.80 9.96
CA GLY C 526 -11.30 7.41 11.01
C GLY C 526 -10.56 6.48 11.96
N THR C 527 -11.18 6.19 13.09
CA THR C 527 -10.56 5.21 13.98
C THR C 527 -11.43 3.96 14.11
N ARG C 528 -11.15 2.99 13.22
CA ARG C 528 -11.43 1.58 13.45
C ARG C 528 -10.30 0.81 12.78
N TYR C 529 -9.43 0.24 13.59
CA TYR C 529 -8.30 -0.54 13.10
C TYR C 529 -8.10 -1.84 13.85
N LEU C 530 -7.96 -1.83 15.17
CA LEU C 530 -7.94 -3.05 15.92
C LEU C 530 -9.31 -3.71 15.86
N THR C 531 -9.42 -4.89 16.46
CA THR C 531 -10.60 -5.72 16.29
C THR C 531 -11.11 -6.23 17.63
N ARG C 532 -12.36 -6.68 17.61
CA ARG C 532 -12.98 -7.35 18.73
C ARG C 532 -13.91 -8.43 18.19
N ASN C 533 -14.02 -9.52 18.94
CA ASN C 533 -15.06 -10.49 18.64
C ASN C 533 -16.43 -9.87 18.84
N LEU C 534 -17.37 -10.30 18.02
CA LEU C 534 -18.71 -9.73 18.08
C LEU C 534 -19.43 -10.21 19.33
N TYR D 50 10.84 35.56 10.33
CA TYR D 50 11.27 34.94 9.09
C TYR D 50 10.12 34.31 8.33
N ASN D 51 10.32 34.13 7.02
CA ASN D 51 9.43 33.37 6.14
C ASN D 51 7.98 33.80 6.25
N ASN D 52 7.73 35.07 6.58
CA ASN D 52 6.37 35.56 6.80
C ASN D 52 5.59 34.66 7.76
N HIS D 53 6.26 34.18 8.80
CA HIS D 53 5.69 33.30 9.81
C HIS D 53 5.21 31.98 9.24
N LEU D 54 5.95 31.40 8.29
CA LEU D 54 5.53 30.18 7.62
C LEU D 54 6.63 29.13 7.70
N TYR D 55 6.26 27.94 8.18
CA TYR D 55 7.06 26.76 7.90
C TYR D 55 6.97 26.47 6.42
N LYS D 56 8.10 26.17 5.79
CA LYS D 56 8.10 25.93 4.37
C LYS D 56 9.03 24.76 4.06
N GLN D 57 8.68 24.02 3.01
CA GLN D 57 9.48 22.88 2.55
C GLN D 57 10.59 23.41 1.65
N ILE D 58 11.81 23.02 1.99
CA ILE D 58 12.95 23.31 1.12
C ILE D 58 13.56 22.00 0.66
N SER D 59 14.03 21.98 -0.58
CA SER D 59 14.58 20.75 -1.12
C SER D 59 15.70 21.10 -2.08
N ASN D 60 16.32 20.05 -2.63
CA ASN D 60 17.35 20.25 -3.64
C ASN D 60 16.80 21.04 -4.82
N SER D 61 15.54 20.75 -5.19
CA SER D 61 14.95 21.40 -6.35
C SER D 61 14.76 22.89 -6.10
N THR D 62 14.60 23.28 -4.84
CA THR D 62 14.42 24.70 -4.53
C THR D 62 15.75 25.44 -4.55
N SER D 63 16.86 24.72 -4.43
CA SER D 63 18.18 25.32 -4.51
C SER D 63 18.81 25.21 -5.90
N GLY D 64 18.13 24.53 -6.81
CA GLY D 64 18.65 24.34 -8.15
C GLY D 64 18.93 22.88 -8.46
N GLY D 65 18.98 22.04 -7.43
CA GLY D 65 19.22 20.61 -7.61
C GLY D 65 20.47 20.25 -8.41
N SER D 66 21.60 20.83 -8.02
CA SER D 66 22.84 20.60 -8.75
C SER D 66 23.42 19.17 -8.83
N SER D 67 23.44 18.43 -7.72
CA SER D 67 24.02 17.08 -7.78
C SER D 67 23.55 16.08 -6.72
N ASN D 68 23.78 14.81 -6.99
CA ASN D 68 23.41 13.75 -6.06
C ASN D 68 24.16 13.89 -4.75
N ASP D 69 25.44 14.24 -4.83
CA ASP D 69 26.26 14.41 -3.65
C ASP D 69 25.70 15.49 -2.75
N ASN D 70 25.11 16.51 -3.36
CA ASN D 70 24.55 17.64 -2.64
C ASN D 70 23.03 17.61 -2.52
N ALA D 71 22.38 16.54 -2.95
CA ALA D 71 20.94 16.44 -2.77
C ALA D 71 20.57 16.57 -1.30
N TYR D 72 19.43 17.19 -1.02
CA TYR D 72 18.97 17.30 0.35
C TYR D 72 17.47 17.54 0.35
N PHE D 73 16.85 17.28 1.50
CA PHE D 73 15.44 17.55 1.70
C PHE D 73 15.26 18.02 3.14
N GLY D 74 14.45 19.05 3.34
CA GLY D 74 14.26 19.57 4.68
C GLY D 74 13.21 20.65 4.73
N TYR D 75 13.20 21.39 5.84
CA TYR D 75 12.24 22.45 6.08
C TYR D 75 12.94 23.67 6.62
N SER D 76 12.38 24.85 6.35
CA SER D 76 12.85 26.09 6.93
C SER D 76 11.75 26.67 7.80
N THR D 77 12.12 27.10 9.00
CA THR D 77 11.17 27.52 10.02
C THR D 77 11.30 29.01 10.28
N PRO D 78 10.23 29.65 10.76
CA PRO D 78 10.34 31.06 11.17
C PRO D 78 11.14 31.27 12.44
N TRP D 79 11.36 30.23 13.23
CA TRP D 79 12.07 30.35 14.49
C TRP D 79 13.54 30.69 14.26
N GLY D 80 14.18 31.22 15.31
CA GLY D 80 15.57 31.63 15.23
C GLY D 80 16.51 30.87 16.13
N GLN D 149 15.07 16.47 21.32
CA GLN D 149 13.98 16.04 20.44
C GLN D 149 14.08 16.66 19.06
N LEU D 150 14.51 17.88 19.00
CA LEU D 150 14.72 18.52 17.70
C LEU D 150 16.15 18.28 17.21
N PRO D 151 16.37 18.35 15.91
CA PRO D 151 17.72 18.28 15.34
C PRO D 151 18.66 19.32 15.92
N GLY D 155 25.51 22.69 16.27
CA GLY D 155 26.60 21.74 16.49
C GLY D 155 27.35 21.35 15.22
N SER D 156 26.95 21.94 14.10
CA SER D 156 27.57 21.69 12.80
C SER D 156 28.61 22.74 12.43
N ALA D 157 28.97 23.64 13.36
CA ALA D 157 30.00 24.66 13.15
C ALA D 157 29.58 25.70 12.12
N HIS D 158 28.36 26.22 12.25
CA HIS D 158 27.90 27.29 11.38
C HIS D 158 28.33 28.65 11.90
N GLN D 174 18.36 31.87 11.76
CA GLN D 174 17.11 31.16 11.47
C GLN D 174 17.30 29.67 11.64
N TYR D 175 16.26 29.00 12.11
CA TYR D 175 16.34 27.57 12.37
C TYR D 175 15.76 26.78 11.22
N GLY D 176 16.52 25.81 10.74
CA GLY D 176 16.07 24.88 9.72
C GLY D 176 16.74 23.55 9.96
N TYR D 177 16.21 22.52 9.30
CA TYR D 177 16.74 21.19 9.51
C TYR D 177 16.45 20.32 8.29
N LEU D 178 17.26 19.28 8.14
CA LEU D 178 17.15 18.33 7.05
C LEU D 178 16.73 16.97 7.58
N THR D 179 16.05 16.21 6.72
CA THR D 179 15.62 14.86 7.04
C THR D 179 16.02 13.93 5.89
N LEU D 180 15.56 12.70 5.96
CA LEU D 180 15.85 11.68 4.96
C LEU D 180 15.31 12.07 3.60
N ASN D 181 16.17 11.99 2.59
CA ASN D 181 15.78 12.35 1.24
C ASN D 181 16.25 11.35 0.22
N ASP D 182 15.42 11.14 -0.81
CA ASP D 182 15.80 10.29 -1.92
C ASP D 182 15.88 11.30 -3.03
N GLY D 183 17.07 11.54 -3.57
CA GLY D 183 17.23 12.56 -4.59
C GLY D 183 16.77 13.87 -3.98
N SER D 184 15.93 14.61 -4.70
CA SER D 184 15.38 15.84 -4.16
C SER D 184 14.03 15.55 -3.47
N GLN D 185 13.56 14.32 -3.59
CA GLN D 185 12.28 13.93 -3.01
C GLN D 185 12.39 13.44 -1.58
N ALA D 186 11.25 13.16 -0.97
CA ALA D 186 11.22 12.70 0.42
C ALA D 186 10.63 11.32 0.59
N VAL D 187 11.36 10.46 1.31
CA VAL D 187 10.92 9.11 1.61
C VAL D 187 9.91 9.10 2.74
N GLY D 188 9.25 7.97 2.95
CA GLY D 188 8.22 7.85 3.96
C GLY D 188 8.71 8.13 5.37
N ARG D 189 9.92 7.69 5.68
CA ARG D 189 10.53 7.89 7.00
C ARG D 189 10.75 9.33 7.40
N SER D 190 10.95 10.21 6.42
CA SER D 190 11.22 11.62 6.71
C SER D 190 10.11 12.20 7.55
N SER D 191 10.51 12.96 8.56
CA SER D 191 9.56 13.54 9.52
C SER D 191 9.52 15.06 9.56
N PHE D 192 8.32 15.58 9.72
CA PHE D 192 8.08 17.02 9.78
C PHE D 192 7.97 17.43 11.23
N TYR D 193 8.64 18.52 11.60
CA TYR D 193 8.59 18.99 12.97
C TYR D 193 8.02 20.40 13.08
N CYS D 194 7.00 20.56 13.93
CA CYS D 194 6.42 21.88 14.15
C CYS D 194 6.87 22.38 15.52
N LEU D 195 7.61 23.48 15.53
CA LEU D 195 8.09 24.03 16.79
C LEU D 195 6.99 24.75 17.57
N GLU D 196 5.85 25.02 16.93
CA GLU D 196 4.69 25.51 17.64
C GLU D 196 4.05 24.44 18.52
N TYR D 197 4.53 23.22 18.47
CA TYR D 197 3.93 22.11 19.19
C TYR D 197 4.59 21.85 20.54
N PHE D 198 5.54 22.69 20.94
CA PHE D 198 6.21 22.54 22.22
C PHE D 198 5.53 23.33 23.33
N SER D 281 45.28 6.49 11.02
CA SER D 281 45.42 7.46 9.94
C SER D 281 44.47 7.18 8.78
N TYR D 282 44.06 8.23 8.08
CA TYR D 282 43.34 8.13 6.82
C TYR D 282 43.99 9.17 5.91
N ARG D 283 44.69 8.74 4.86
CA ARG D 283 45.65 9.64 4.23
C ARG D 283 44.97 10.79 3.51
N GLN D 284 45.54 11.99 3.69
CA GLN D 284 45.17 13.22 3.00
C GLN D 284 46.21 13.52 1.93
N GLN D 285 45.79 14.20 0.88
CA GLN D 285 46.71 14.55 -0.20
C GLN D 285 47.88 15.40 0.29
N ASN D 294 52.87 21.93 -6.76
CA ASN D 294 51.49 21.61 -7.13
C ASN D 294 51.37 21.22 -8.60
N ASN D 295 50.70 20.10 -8.85
CA ASN D 295 50.49 19.63 -10.21
C ASN D 295 49.59 20.61 -10.93
N ASN D 296 49.82 20.82 -12.22
CA ASN D 296 49.00 21.75 -12.98
C ASN D 296 47.72 21.09 -13.50
N SER D 297 46.80 20.80 -12.57
CA SER D 297 45.54 20.16 -12.89
C SER D 297 44.56 20.46 -11.77
N GLU D 298 43.27 20.24 -12.02
CA GLU D 298 42.29 20.50 -10.98
C GLU D 298 42.10 19.24 -10.15
N PHE D 299 42.65 19.23 -8.94
CA PHE D 299 42.53 18.08 -8.06
C PHE D 299 41.77 18.34 -6.75
N ALA D 300 41.07 19.46 -6.66
CA ALA D 300 40.32 19.82 -5.46
C ALA D 300 39.39 18.69 -5.07
N TRP D 301 38.42 18.41 -5.93
CA TRP D 301 37.48 17.31 -5.70
C TRP D 301 38.00 15.97 -6.22
N PRO D 302 38.60 15.87 -7.40
CA PRO D 302 39.15 14.58 -7.83
C PRO D 302 40.11 13.94 -6.85
N GLY D 303 41.06 14.69 -6.29
CA GLY D 303 42.08 14.08 -5.46
C GLY D 303 41.77 14.12 -3.97
N ALA D 304 40.52 14.27 -3.61
CA ALA D 304 40.10 14.45 -2.23
C ALA D 304 39.76 13.10 -1.59
N SER D 305 40.07 12.99 -0.31
CA SER D 305 39.74 11.80 0.46
C SER D 305 38.33 11.92 1.01
N SER D 306 37.47 10.97 0.64
CA SER D 306 36.06 11.09 0.95
C SER D 306 35.54 9.77 1.50
N TRP D 307 34.34 9.82 2.06
CA TRP D 307 33.64 8.62 2.50
C TRP D 307 32.24 8.61 1.92
N ALA D 308 31.73 7.40 1.68
CA ALA D 308 30.49 7.19 0.94
C ALA D 308 29.41 6.67 1.86
N LEU D 309 28.23 7.27 1.78
CA LEU D 309 27.10 6.89 2.61
C LEU D 309 25.85 6.86 1.75
N ASN D 310 25.23 5.69 1.63
CA ASN D 310 24.02 5.51 0.83
C ASN D 310 24.20 6.05 -0.59
N GLY D 311 25.36 5.77 -1.17
CA GLY D 311 25.63 6.19 -2.52
C GLY D 311 25.89 7.67 -2.71
N ARG D 312 26.38 8.37 -1.69
CA ARG D 312 26.81 9.75 -1.80
C ARG D 312 28.20 9.91 -1.20
N ASN D 313 29.11 10.46 -2.00
CA ASN D 313 30.46 10.74 -1.55
C ASN D 313 30.47 12.04 -0.77
N SER D 314 30.91 11.97 0.48
CA SER D 314 31.08 13.14 1.32
C SER D 314 32.56 13.28 1.63
N LEU D 315 33.08 14.50 1.50
CA LEU D 315 34.48 14.75 1.79
C LEU D 315 34.78 14.36 3.23
N MET D 316 36.00 13.86 3.46
CA MET D 316 36.42 13.57 4.83
C MET D 316 37.05 14.84 5.35
N ASN D 317 36.33 15.52 6.23
CA ASN D 317 36.78 16.81 6.70
C ASN D 317 36.46 16.91 8.19
N PRO D 318 37.40 17.42 8.99
CA PRO D 318 38.81 17.54 8.64
C PRO D 318 39.50 16.17 8.60
N GLY D 319 39.01 15.22 9.38
CA GLY D 319 39.60 13.89 9.42
C GLY D 319 39.76 13.34 10.82
N VAL D 394 50.53 1.18 3.41
CA VAL D 394 49.35 1.29 4.26
C VAL D 394 48.80 2.70 4.24
N GLN D 395 47.67 2.88 3.55
CA GLN D 395 47.13 4.21 3.36
C GLN D 395 46.12 4.58 4.43
N ASN D 396 45.68 3.59 5.22
CA ASN D 396 44.71 3.81 6.28
C ASN D 396 44.83 2.68 7.30
N GLN D 397 44.37 2.93 8.52
CA GLN D 397 44.56 2.00 9.62
C GLN D 397 43.52 2.24 10.69
N GLY D 398 43.34 1.28 11.59
CA GLY D 398 42.46 1.44 12.74
C GLY D 398 43.14 1.15 14.06
N PRO D 421 25.47 11.97 18.72
CA PRO D 421 24.60 11.16 17.86
C PRO D 421 24.15 9.92 18.62
N HIS D 422 22.86 9.61 18.60
CA HIS D 422 22.35 8.53 19.43
C HIS D 422 22.41 7.24 18.62
N THR D 423 23.36 6.38 18.96
CA THR D 423 23.64 5.19 18.17
C THR D 423 24.07 4.06 19.10
N ASP D 424 24.14 2.87 18.52
CA ASP D 424 24.56 1.70 19.30
C ASP D 424 26.07 1.67 19.48
N GLY D 425 26.80 2.53 18.77
CA GLY D 425 28.25 2.49 18.84
C GLY D 425 28.83 3.88 18.65
N ASN D 426 30.11 4.01 19.04
CA ASN D 426 30.80 5.29 18.97
C ASN D 426 32.29 5.19 19.29
N ALA D 459 -16.79 40.42 7.05
CA ALA D 459 -17.40 39.12 6.82
C ALA D 459 -16.38 38.01 7.03
N PHE D 460 -16.85 36.85 7.48
CA PHE D 460 -15.95 35.78 7.85
C PHE D 460 -15.37 35.09 6.61
N ASN D 461 -14.07 34.81 6.66
CA ASN D 461 -13.36 34.12 5.61
C ASN D 461 -12.48 33.06 6.24
N LYS D 462 -12.71 31.81 5.85
CA LYS D 462 -12.17 30.67 6.57
C LYS D 462 -10.66 30.50 6.42
N ASP D 463 -10.05 31.11 5.41
CA ASP D 463 -8.63 30.89 5.18
C ASP D 463 -7.80 31.46 6.32
N LYS D 464 -6.57 30.96 6.43
CA LYS D 464 -5.63 31.53 7.38
C LYS D 464 -5.24 32.93 6.94
N LEU D 465 -4.74 33.72 7.87
CA LEU D 465 -4.43 35.12 7.59
C LEU D 465 -2.95 35.27 7.24
N ASN D 466 -2.68 35.82 6.06
CA ASN D 466 -1.31 36.05 5.61
C ASN D 466 -0.82 37.48 5.80
N SER D 467 -1.63 38.38 6.33
CA SER D 467 -1.27 39.79 6.46
C SER D 467 -0.85 40.09 7.89
N PHE D 468 0.32 40.72 8.04
CA PHE D 468 0.85 41.02 9.35
C PHE D 468 1.64 42.32 9.35
N ILE E 238 23.44 -30.90 14.59
CA ILE E 238 22.29 -30.02 14.56
C ILE E 238 22.51 -28.90 13.54
N ASP E 239 21.56 -28.74 12.61
CA ASP E 239 21.65 -27.72 11.59
C ASP E 239 21.30 -26.34 12.15
N GLN E 240 21.90 -25.31 11.56
CA GLN E 240 21.40 -23.96 11.73
C GLN E 240 20.14 -23.80 10.90
N TYR E 241 19.32 -22.82 11.28
CA TYR E 241 18.16 -22.47 10.49
C TYR E 241 18.45 -21.39 9.47
N LEU E 242 19.68 -20.93 9.38
CA LEU E 242 20.10 -20.00 8.34
C LEU E 242 20.44 -20.75 7.06
N TYR E 243 20.35 -20.03 5.95
CA TYR E 243 20.70 -20.54 4.63
C TYR E 243 21.88 -19.77 4.07
N TYR E 244 22.54 -20.36 3.09
CA TYR E 244 23.65 -19.72 2.40
C TYR E 244 23.47 -19.94 0.90
N LEU E 245 24.19 -19.19 0.08
CA LEU E 245 24.03 -19.33 -1.36
C LEU E 245 24.92 -20.43 -1.89
N SER E 246 24.37 -21.63 -2.00
CA SER E 246 25.13 -22.77 -2.49
C SER E 246 25.58 -22.71 -3.95
N LYS E 247 24.71 -22.28 -4.86
CA LYS E 247 25.06 -22.23 -6.26
C LYS E 247 24.58 -20.98 -7.00
N THR E 248 25.36 -20.55 -7.99
CA THR E 248 24.98 -19.41 -8.80
C THR E 248 24.62 -19.81 -10.23
N ILE E 249 24.96 -21.03 -10.61
CA ILE E 249 24.67 -21.53 -11.96
C ILE E 249 24.12 -22.95 -11.96
N ASN E 250 23.39 -23.30 -13.02
CA ASN E 250 22.80 -24.61 -13.17
C ASN E 250 23.78 -25.64 -13.71
N GLY E 251 24.67 -25.19 -14.59
CA GLY E 251 25.66 -26.07 -15.19
C GLY E 251 26.53 -25.31 -16.16
N SER E 252 27.20 -26.05 -17.03
CA SER E 252 28.06 -25.43 -18.03
C SER E 252 27.26 -25.12 -19.28
N GLY E 253 27.42 -23.92 -19.79
CA GLY E 253 26.75 -23.51 -21.00
C GLY E 253 26.55 -22.01 -21.01
N GLN E 254 25.56 -21.59 -21.80
CA GLN E 254 25.19 -20.19 -21.91
C GLN E 254 23.95 -19.92 -21.08
N ASN E 255 23.92 -18.79 -20.40
CA ASN E 255 22.74 -18.31 -19.69
C ASN E 255 22.28 -19.34 -18.65
N GLN E 256 23.20 -19.79 -17.82
CA GLN E 256 22.92 -20.79 -16.80
C GLN E 256 22.63 -20.19 -15.43
N GLN E 257 22.55 -18.87 -15.32
CA GLN E 257 22.41 -18.24 -14.01
C GLN E 257 21.23 -18.82 -13.24
N THR E 258 21.45 -19.03 -11.95
CA THR E 258 20.40 -19.42 -11.02
C THR E 258 20.85 -19.06 -9.63
N LEU E 259 19.91 -19.06 -8.68
CA LEU E 259 20.23 -18.86 -7.28
C LEU E 259 19.67 -20.02 -6.47
N LYS E 260 20.56 -20.82 -5.90
CA LYS E 260 20.20 -21.97 -5.10
C LYS E 260 20.69 -21.77 -3.68
N PHE E 261 19.85 -22.12 -2.71
CA PHE E 261 20.16 -21.93 -1.30
C PHE E 261 20.08 -23.26 -0.58
N SER E 262 20.94 -23.42 0.44
CA SER E 262 21.02 -24.66 1.19
C SER E 262 21.27 -24.36 2.66
N VAL E 263 20.81 -25.27 3.52
CA VAL E 263 20.99 -25.11 4.96
C VAL E 263 22.46 -25.31 5.31
N ALA E 264 22.96 -24.49 6.22
CA ALA E 264 24.29 -24.71 6.77
C ALA E 264 24.19 -25.64 7.97
N GLY E 265 25.08 -26.62 8.04
CA GLY E 265 25.01 -27.64 9.05
C GLY E 265 26.35 -28.28 9.34
N PRO E 266 26.35 -29.34 10.13
CA PRO E 266 27.62 -30.00 10.47
C PRO E 266 28.37 -30.53 9.26
N SER E 267 27.69 -30.63 8.12
CA SER E 267 28.32 -31.12 6.90
C SER E 267 29.14 -30.04 6.21
N ASN E 268 28.72 -28.79 6.35
CA ASN E 268 29.42 -27.66 5.74
C ASN E 268 29.66 -26.61 6.80
N MET E 269 30.64 -26.88 7.66
CA MET E 269 30.99 -26.02 8.79
C MET E 269 31.48 -24.61 8.49
N ALA E 270 32.25 -24.45 7.43
CA ALA E 270 32.81 -23.14 7.09
C ALA E 270 31.81 -22.03 6.81
N VAL E 271 30.71 -22.33 6.12
CA VAL E 271 29.74 -21.29 5.78
C VAL E 271 28.66 -20.98 6.80
N GLN E 272 28.78 -21.47 8.04
CA GLN E 272 27.78 -21.19 9.04
C GLN E 272 27.93 -19.77 9.58
N GLY E 273 26.85 -19.26 10.16
CA GLY E 273 26.90 -17.96 10.80
C GLY E 273 27.65 -18.03 12.12
N ARG E 274 28.52 -17.03 12.34
CA ARG E 274 29.33 -16.95 13.53
C ARG E 274 29.25 -15.56 14.11
N ASN E 275 29.00 -15.49 15.42
CA ASN E 275 28.74 -14.20 16.06
C ASN E 275 30.00 -13.40 16.35
N TYR E 276 31.18 -14.02 16.29
CA TYR E 276 32.40 -13.31 16.65
C TYR E 276 33.52 -13.72 15.71
N ILE E 277 34.33 -12.74 15.33
CA ILE E 277 35.42 -12.92 14.37
C ILE E 277 36.74 -12.62 15.06
N PRO E 278 37.87 -13.11 14.56
CA PRO E 278 39.15 -12.88 15.24
C PRO E 278 39.56 -11.42 15.25
N GLY E 279 40.51 -11.11 16.12
CA GLY E 279 41.04 -9.76 16.25
C GLY E 279 42.25 -9.53 15.37
N GLU E 373 50.17 -14.41 7.95
CA GLU E 373 49.28 -14.65 6.82
C GLU E 373 48.12 -13.65 6.79
N SER E 374 47.66 -13.33 5.58
CA SER E 374 46.65 -12.31 5.37
C SER E 374 45.39 -12.62 6.17
N TYR E 375 44.74 -11.55 6.62
CA TYR E 375 43.58 -11.71 7.51
C TYR E 375 42.41 -12.34 6.79
N GLY E 376 42.37 -12.27 5.47
CA GLY E 376 41.26 -12.82 4.73
C GLY E 376 41.15 -12.16 3.36
N GLN E 377 39.93 -12.20 2.82
CA GLN E 377 39.61 -11.64 1.52
C GLN E 377 38.41 -10.72 1.58
N VAL E 378 38.40 -9.74 0.69
CA VAL E 378 37.24 -8.87 0.47
C VAL E 378 36.92 -8.85 -1.01
N ALA E 379 35.73 -8.36 -1.33
CA ALA E 379 35.32 -8.21 -2.72
C ALA E 379 35.74 -6.85 -3.24
N THR E 380 36.35 -6.83 -4.42
CA THR E 380 36.84 -5.58 -4.97
C THR E 380 35.95 -4.96 -6.05
N ASN E 381 34.87 -5.61 -6.47
CA ASN E 381 34.07 -5.04 -7.54
C ASN E 381 32.67 -5.59 -7.52
N HIS E 382 31.78 -4.90 -8.24
CA HIS E 382 30.45 -5.41 -8.53
C HIS E 382 30.52 -6.37 -9.72
N GLN E 383 30.05 -7.59 -9.51
CA GLN E 383 29.91 -8.49 -10.64
C GLN E 383 28.80 -8.01 -11.57
N SER E 384 28.82 -8.52 -12.79
CA SER E 384 27.75 -8.32 -13.75
C SER E 384 27.83 -9.43 -14.76
N ALA E 385 26.93 -9.41 -15.74
CA ALA E 385 27.09 -10.31 -16.87
C ALA E 385 28.39 -10.03 -17.60
N GLN E 386 28.85 -8.78 -17.59
CA GLN E 386 30.11 -8.42 -18.21
C GLN E 386 31.32 -8.68 -17.33
N ALA E 387 31.18 -8.47 -16.02
CA ALA E 387 32.34 -8.64 -15.13
C ALA E 387 32.26 -9.76 -14.08
N GLN E 388 33.33 -10.55 -14.01
CA GLN E 388 33.42 -11.64 -13.05
C GLN E 388 33.77 -11.10 -11.67
N ALA E 389 33.40 -11.85 -10.64
CA ALA E 389 33.68 -11.46 -9.27
C ALA E 389 35.17 -11.40 -8.97
N GLN E 390 35.57 -10.39 -8.20
CA GLN E 390 36.97 -10.24 -7.85
C GLN E 390 37.15 -10.07 -6.34
N THR E 391 38.26 -10.60 -5.84
CA THR E 391 38.57 -10.54 -4.43
C THR E 391 39.98 -10.04 -4.20
N GLY E 392 40.21 -9.46 -3.03
CA GLY E 392 41.52 -8.93 -2.68
C GLY E 392 41.96 -9.45 -1.33
N TRP E 393 43.26 -9.48 -1.11
CA TRP E 393 43.81 -9.96 0.15
C TRP E 393 43.91 -8.85 1.17
N VAL E 394 43.41 -9.10 2.38
CA VAL E 394 43.47 -8.12 3.44
C VAL E 394 44.74 -8.34 4.24
N GLN E 395 45.65 -7.38 4.17
CA GLN E 395 46.93 -7.51 4.87
C GLN E 395 46.82 -7.07 6.32
N ASN E 396 46.13 -5.97 6.59
CA ASN E 396 45.99 -5.44 7.94
C ASN E 396 44.54 -5.09 8.21
N GLN E 397 44.15 -5.18 9.48
CA GLN E 397 42.77 -4.95 9.87
C GLN E 397 42.73 -4.35 11.27
N GLY E 398 41.73 -3.52 11.54
CA GLY E 398 41.57 -2.90 12.84
C GLY E 398 40.62 -3.63 13.75
N ASN F 85 15.84 -19.60 22.53
CA ASN F 85 16.76 -18.54 22.12
C ASN F 85 16.40 -17.99 20.75
N ARG F 86 15.10 -17.96 20.45
CA ARG F 86 14.57 -17.33 19.27
C ARG F 86 13.29 -16.59 19.63
N PHE F 87 13.23 -15.32 19.22
CA PHE F 87 12.18 -14.43 19.70
C PHE F 87 10.79 -15.01 19.50
N HIS F 88 10.55 -15.76 18.43
CA HIS F 88 9.19 -16.23 18.23
C HIS F 88 8.80 -17.32 19.20
N CYS F 89 9.74 -17.81 20.01
CA CYS F 89 9.36 -18.69 21.11
C CYS F 89 8.57 -17.91 22.16
N HIS F 90 9.03 -16.72 22.50
CA HIS F 90 8.49 -15.96 23.61
C HIS F 90 7.44 -14.92 23.22
N PHE F 91 7.27 -14.63 21.93
CA PHE F 91 6.34 -13.61 21.46
C PHE F 91 5.42 -14.19 20.42
N SER F 92 4.17 -13.75 20.43
CA SER F 92 3.26 -14.00 19.33
C SER F 92 3.40 -12.88 18.31
N PRO F 93 3.01 -13.12 17.06
CA PRO F 93 3.05 -12.03 16.07
C PRO F 93 2.26 -10.81 16.49
N ARG F 94 1.08 -10.99 17.09
CA ARG F 94 0.34 -9.86 17.61
C ARG F 94 1.11 -9.16 18.71
N ASP F 95 1.79 -9.92 19.58
CA ASP F 95 2.61 -9.31 20.62
C ASP F 95 3.84 -8.64 20.03
N TRP F 96 4.47 -9.29 19.05
CA TRP F 96 5.65 -8.71 18.43
C TRP F 96 5.29 -7.41 17.72
N GLN F 97 4.03 -7.25 17.33
CA GLN F 97 3.59 -6.02 16.70
C GLN F 97 3.46 -4.91 17.73
N ARG F 98 2.82 -5.21 18.87
CA ARG F 98 2.73 -4.25 19.96
C ARG F 98 4.10 -3.74 20.35
N LEU F 99 5.10 -4.60 20.31
CA LEU F 99 6.43 -4.24 20.77
C LEU F 99 7.10 -3.28 19.80
N ILE F 100 7.12 -3.60 18.51
CA ILE F 100 7.98 -2.88 17.58
C ILE F 100 7.35 -1.55 17.20
N ASN F 101 6.02 -1.45 17.24
CA ASN F 101 5.38 -0.20 16.85
C ASN F 101 5.45 0.84 17.96
N ASN F 102 5.47 0.39 19.22
CA ASN F 102 5.31 1.30 20.34
C ASN F 102 6.60 1.64 21.08
N ASN F 103 7.73 1.05 20.76
CA ASN F 103 8.86 1.08 21.67
C ASN F 103 10.17 1.30 20.93
N TRP F 104 11.02 2.14 21.52
CA TRP F 104 12.36 2.36 20.99
C TRP F 104 13.39 1.39 21.52
N GLY F 105 12.99 0.49 22.43
CA GLY F 105 13.96 -0.44 22.98
C GLY F 105 13.27 -1.48 23.83
N PHE F 106 14.01 -2.52 24.16
CA PHE F 106 13.51 -3.58 25.02
C PHE F 106 14.64 -4.51 25.44
N GLY F 155 24.26 -21.40 21.34
CA GLY F 155 24.33 -19.99 21.01
C GLY F 155 24.78 -19.70 19.58
N SER F 156 24.87 -20.76 18.79
CA SER F 156 25.30 -20.67 17.40
C SER F 156 24.15 -20.59 16.40
N ALA F 157 22.92 -20.43 16.90
CA ALA F 157 21.72 -20.35 16.05
C ALA F 157 21.43 -21.67 15.34
N HIS F 158 21.56 -22.76 16.07
CA HIS F 158 21.17 -24.08 15.61
C HIS F 158 19.65 -24.25 15.67
N GLU F 159 19.17 -25.26 14.95
CA GLU F 159 17.76 -25.61 15.01
C GLU F 159 17.47 -26.26 16.36
N GLY F 160 16.21 -26.63 16.59
CA GLY F 160 15.85 -27.34 17.80
C GLY F 160 15.21 -26.51 18.89
N CYS F 161 14.93 -25.24 18.63
CA CYS F 161 14.26 -24.38 19.60
C CYS F 161 12.83 -24.83 19.81
N LEU F 162 12.22 -24.33 20.89
CA LEU F 162 10.80 -24.47 21.07
C LEU F 162 10.07 -23.99 19.82
N PRO F 163 8.95 -24.62 19.44
CA PRO F 163 8.31 -24.23 18.19
C PRO F 163 7.70 -22.85 18.31
N PRO F 164 7.48 -22.17 17.19
CA PRO F 164 6.81 -20.87 17.25
C PRO F 164 5.36 -20.98 17.67
N PHE F 165 4.73 -22.07 17.34
CA PHE F 165 3.31 -22.20 17.58
C PHE F 165 3.07 -23.14 18.75
N PRO F 166 2.34 -22.68 19.77
CA PRO F 166 2.32 -23.42 21.04
C PRO F 166 1.73 -24.82 20.95
N ALA F 167 0.88 -25.10 19.97
CA ALA F 167 0.25 -26.42 19.90
C ALA F 167 1.13 -27.46 19.21
N ASP F 168 2.35 -27.11 18.82
CA ASP F 168 3.23 -28.07 18.19
C ASP F 168 4.14 -28.74 19.22
N VAL F 169 4.32 -30.05 19.06
CA VAL F 169 5.17 -30.84 19.95
C VAL F 169 6.56 -30.92 19.34
N PHE F 170 7.58 -30.61 20.13
CA PHE F 170 8.93 -30.59 19.61
C PHE F 170 9.78 -31.65 20.31
N MET F 171 10.84 -32.05 19.63
CA MET F 171 11.65 -33.16 20.07
C MET F 171 12.71 -32.70 21.07
N HIS F 221 18.35 -3.05 23.22
CA HIS F 221 18.26 -3.10 21.77
C HIS F 221 17.52 -1.89 21.23
N SER F 222 18.03 -1.33 20.15
CA SER F 222 17.41 -0.17 19.55
C SER F 222 16.51 -0.63 18.43
N SER F 223 15.26 -0.20 18.44
CA SER F 223 14.33 -0.61 17.42
C SER F 223 13.68 0.61 16.83
N TYR F 224 14.47 1.37 16.09
CA TYR F 224 14.02 2.58 15.43
C TYR F 224 14.94 2.86 14.26
N ALA F 225 14.48 3.66 13.32
CA ALA F 225 15.29 4.03 12.17
C ALA F 225 15.50 5.52 12.24
N HIS F 226 16.75 5.96 12.09
CA HIS F 226 17.03 7.39 12.16
C HIS F 226 16.33 8.11 11.04
N SER F 227 15.80 9.29 11.34
CA SER F 227 15.09 10.08 10.35
C SER F 227 16.01 11.03 9.60
N GLN F 228 17.29 11.02 9.97
CA GLN F 228 18.28 11.87 9.33
C GLN F 228 19.51 11.05 8.98
N SER F 229 20.28 11.49 8.00
CA SER F 229 21.48 10.77 7.63
C SER F 229 22.67 11.41 8.34
N LEU F 230 23.75 10.66 8.50
CA LEU F 230 24.94 11.15 9.19
C LEU F 230 25.55 12.34 8.47
N ASP F 231 25.34 12.45 7.17
CA ASP F 231 25.95 13.50 6.37
C ASP F 231 25.04 14.69 6.12
N ARG F 232 23.79 14.65 6.56
CA ARG F 232 22.88 15.79 6.43
C ARG F 232 22.63 16.56 7.73
N LEU F 233 23.32 16.25 8.82
CA LEU F 233 22.98 16.82 10.12
C LEU F 233 23.03 18.34 10.18
N MET F 234 23.62 19.00 9.18
CA MET F 234 23.86 20.44 9.17
C MET F 234 22.56 21.23 9.13
N ASN F 235 22.67 22.52 9.47
CA ASN F 235 21.59 23.47 9.27
C ASN F 235 21.58 23.92 7.81
N PRO F 236 20.49 23.68 7.07
CA PRO F 236 20.48 24.01 5.64
C PRO F 236 20.48 25.49 5.32
N LEU F 237 20.18 26.36 6.29
CA LEU F 237 20.02 27.78 5.99
C LEU F 237 21.27 28.62 6.23
N ILE F 238 22.31 28.08 6.86
CA ILE F 238 23.38 28.89 7.39
C ILE F 238 24.73 28.41 6.86
N ASP F 239 25.51 29.36 6.34
CA ASP F 239 26.88 29.09 5.94
C ASP F 239 27.72 28.72 7.16
N GLN F 240 28.78 27.96 6.92
CA GLN F 240 29.73 27.67 7.99
C GLN F 240 30.78 28.76 8.10
N LEU F 242 34.37 28.52 8.22
CA LEU F 242 35.20 27.43 7.72
C LEU F 242 35.34 27.52 6.20
N TYR F 243 36.48 27.08 5.69
CA TYR F 243 36.79 27.19 4.28
C TYR F 243 37.35 25.88 3.75
N TYR F 244 37.15 25.65 2.45
CA TYR F 244 37.70 24.51 1.76
C TYR F 244 38.37 25.02 0.48
N LEU F 245 39.15 24.15 -0.15
CA LEU F 245 39.92 24.54 -1.32
C LEU F 245 39.06 24.28 -2.55
N SER F 246 38.59 25.35 -3.20
CA SER F 246 37.70 25.19 -4.34
C SER F 246 38.44 24.97 -5.66
N LYS F 247 39.47 25.75 -5.94
CA LYS F 247 40.19 25.64 -7.21
C LYS F 247 41.66 25.39 -6.94
N THR F 248 42.22 24.43 -7.66
CA THR F 248 43.67 24.30 -7.75
C THR F 248 44.24 24.88 -9.04
N ILE F 249 43.39 25.39 -9.94
CA ILE F 249 43.85 26.04 -11.16
C ILE F 249 42.94 27.22 -11.47
N ASN F 250 43.47 28.19 -12.19
CA ASN F 250 42.64 29.29 -12.67
C ASN F 250 41.85 28.88 -13.91
N GLY F 251 42.46 28.10 -14.78
CA GLY F 251 41.81 27.73 -16.03
C GLY F 251 42.68 26.77 -16.80
N SER F 252 42.41 26.70 -18.10
CA SER F 252 43.17 25.81 -18.96
C SER F 252 44.43 26.49 -19.48
N GLY F 253 45.55 25.81 -19.36
CA GLY F 253 46.79 26.30 -19.92
C GLY F 253 47.96 25.86 -19.06
N GLN F 254 49.11 26.44 -19.36
CA GLN F 254 50.34 26.16 -18.64
C GLN F 254 50.52 27.16 -17.51
N ASN F 255 51.10 26.67 -16.41
CA ASN F 255 51.51 27.52 -15.30
C ASN F 255 50.30 28.24 -14.69
N GLN F 256 49.18 27.54 -14.63
CA GLN F 256 47.92 28.08 -14.15
C GLN F 256 47.66 27.80 -12.68
N GLN F 257 48.63 27.25 -11.96
CA GLN F 257 48.42 26.86 -10.56
C GLN F 257 47.90 28.04 -9.74
N THR F 258 46.98 27.75 -8.84
CA THR F 258 46.42 28.73 -7.93
C THR F 258 45.84 28.00 -6.74
N LEU F 259 45.54 28.76 -5.69
CA LEU F 259 44.80 28.25 -4.54
C LEU F 259 43.62 29.17 -4.29
N LYS F 260 42.42 28.64 -4.49
CA LYS F 260 41.19 29.37 -4.17
C LYS F 260 40.45 28.63 -3.08
N PHE F 261 39.73 29.40 -2.26
CA PHE F 261 39.01 28.87 -1.11
C PHE F 261 37.60 29.39 -1.11
N SER F 262 36.68 28.58 -0.61
CA SER F 262 35.27 28.94 -0.58
C SER F 262 34.69 28.52 0.75
N VAL F 263 33.56 29.12 1.09
CA VAL F 263 32.88 28.80 2.33
C VAL F 263 32.02 27.57 2.12
N ALA F 264 32.23 26.55 2.94
CA ALA F 264 31.37 25.39 2.91
C ALA F 264 29.99 25.79 3.40
N GLY F 265 28.98 25.60 2.57
CA GLY F 265 27.67 26.13 2.87
C GLY F 265 26.55 25.33 2.23
N PRO F 266 25.32 25.80 2.42
CA PRO F 266 24.16 25.11 1.85
C PRO F 266 24.26 24.82 0.36
N SER F 267 24.93 25.69 -0.40
CA SER F 267 25.04 25.45 -1.84
C SER F 267 25.80 24.17 -2.13
N ASN F 268 26.92 23.92 -1.46
CA ASN F 268 27.68 22.69 -1.63
C ASN F 268 27.78 22.01 -0.26
N MET F 269 27.04 20.92 -0.09
CA MET F 269 27.00 20.24 1.21
C MET F 269 27.94 19.07 1.30
N ALA F 270 28.64 18.71 0.22
CA ALA F 270 29.53 17.57 0.27
C ALA F 270 30.84 17.90 0.97
N VAL F 271 31.27 19.16 0.90
CA VAL F 271 32.60 19.56 1.36
C VAL F 271 32.60 20.07 2.78
N GLN F 272 31.45 20.21 3.41
CA GLN F 272 31.43 20.79 4.76
C GLN F 272 32.13 19.88 5.74
N GLY F 273 32.59 20.48 6.84
CA GLY F 273 33.24 19.69 7.87
C GLY F 273 32.22 19.04 8.78
N ARG F 274 32.56 17.84 9.26
CA ARG F 274 31.68 17.08 10.12
C ARG F 274 32.46 16.53 11.31
N ASN F 275 31.76 16.39 12.43
CA ASN F 275 32.37 15.90 13.65
C ASN F 275 32.37 14.38 13.75
N TYR F 276 31.62 13.69 12.90
CA TYR F 276 31.50 12.25 13.04
C TYR F 276 31.41 11.62 11.65
N ILE F 277 31.68 10.32 11.60
CA ILE F 277 31.81 9.59 10.33
C ILE F 277 31.09 8.25 10.48
N PRO F 278 30.76 7.60 9.37
CA PRO F 278 30.02 6.34 9.44
C PRO F 278 30.88 5.18 9.88
N GLY F 279 30.22 4.11 10.32
CA GLY F 279 30.87 2.97 10.91
C GLY F 279 31.75 2.20 9.95
N PRO F 280 32.40 1.16 10.45
CA PRO F 280 33.36 0.41 9.64
C PRO F 280 32.69 -0.52 8.64
N SER F 281 33.48 -0.96 7.67
CA SER F 281 32.97 -1.76 6.56
C SER F 281 33.97 -2.82 6.14
N TYR F 282 33.45 -3.98 5.79
CA TYR F 282 34.25 -5.07 5.21
C TYR F 282 33.41 -5.60 4.04
N ARG F 283 33.87 -5.39 2.80
CA ARG F 283 32.93 -5.44 1.68
C ARG F 283 32.50 -6.86 1.35
N GLN F 284 31.24 -7.00 0.95
CA GLN F 284 30.64 -8.22 0.42
C GLN F 284 30.48 -8.10 -1.09
N GLN F 285 30.55 -9.23 -1.79
CA GLN F 285 30.17 -9.24 -3.19
C GLN F 285 28.67 -9.06 -3.35
N ARG F 286 28.27 -8.30 -4.36
CA ARG F 286 26.86 -7.97 -4.58
C ARG F 286 26.21 -8.99 -5.49
N VAL F 287 25.01 -9.43 -5.13
CA VAL F 287 24.28 -10.43 -5.88
C VAL F 287 22.91 -9.86 -6.24
N SER F 288 22.43 -10.19 -7.43
CA SER F 288 21.16 -9.67 -7.93
C SER F 288 20.11 -10.76 -7.96
N THR F 289 18.93 -10.45 -7.42
CA THR F 289 17.83 -11.40 -7.42
C THR F 289 17.23 -11.61 -8.81
N THR F 290 17.57 -10.75 -9.77
CA THR F 290 17.22 -10.99 -11.17
C THR F 290 18.41 -11.68 -11.81
N VAL F 291 18.27 -12.96 -12.12
CA VAL F 291 19.45 -13.81 -12.32
C VAL F 291 20.18 -13.44 -13.60
N THR F 292 19.46 -12.91 -14.59
CA THR F 292 20.06 -12.70 -15.89
C THR F 292 21.14 -11.61 -15.85
N GLN F 293 21.11 -10.76 -14.82
CA GLN F 293 22.12 -9.72 -14.73
C GLN F 293 23.23 -10.09 -13.76
N ASN F 294 23.17 -11.28 -13.17
CA ASN F 294 24.34 -11.85 -12.52
C ASN F 294 25.30 -12.41 -13.55
N ASN F 295 26.54 -12.62 -13.13
CA ASN F 295 27.55 -13.15 -14.04
C ASN F 295 27.34 -14.64 -14.25
N ASN F 296 27.58 -15.12 -15.46
CA ASN F 296 27.42 -16.52 -15.77
C ASN F 296 28.65 -17.34 -15.41
N SER F 297 28.90 -17.49 -14.11
CA SER F 297 30.04 -18.25 -13.61
C SER F 297 29.73 -18.68 -12.18
N GLU F 298 30.48 -19.63 -11.66
CA GLU F 298 30.23 -20.08 -10.30
C GLU F 298 31.06 -19.27 -9.31
N PHE F 299 30.40 -18.34 -8.62
CA PHE F 299 31.08 -17.49 -7.64
C PHE F 299 30.53 -17.57 -6.22
N ALA F 300 29.78 -18.63 -5.91
CA ALA F 300 29.20 -18.80 -4.57
C ALA F 300 30.27 -18.68 -3.50
N TRP F 301 31.20 -19.63 -3.50
CA TRP F 301 32.34 -19.60 -2.59
C TRP F 301 33.47 -18.72 -3.11
N PRO F 302 33.94 -18.87 -4.35
CA PRO F 302 35.16 -18.17 -4.75
C PRO F 302 35.08 -16.65 -4.65
N GLY F 303 33.89 -16.08 -4.73
CA GLY F 303 33.76 -14.63 -4.70
C GLY F 303 33.34 -14.08 -3.36
N ALA F 304 33.58 -14.83 -2.29
CA ALA F 304 33.02 -14.53 -0.98
C ALA F 304 34.05 -13.87 -0.07
N SER F 305 33.57 -12.99 0.81
CA SER F 305 34.39 -12.38 1.83
C SER F 305 34.68 -13.40 2.92
N SER F 306 35.96 -13.49 3.33
CA SER F 306 36.33 -14.50 4.29
C SER F 306 37.39 -13.98 5.23
N TRP F 307 37.54 -14.67 6.36
CA TRP F 307 38.65 -14.48 7.27
C TRP F 307 39.27 -15.84 7.59
N ALA F 308 40.59 -15.86 7.63
CA ALA F 308 41.35 -17.07 7.90
C ALA F 308 41.81 -17.08 9.34
N LEU F 309 41.87 -18.27 9.93
CA LEU F 309 42.26 -18.42 11.32
C LEU F 309 43.15 -19.64 11.54
N GLY F 311 44.84 -21.55 9.77
CA GLY F 311 45.00 -21.80 8.36
C GLY F 311 43.75 -22.33 7.67
N ARG F 312 42.59 -21.98 8.21
CA ARG F 312 41.31 -22.35 7.63
C ARG F 312 40.51 -21.10 7.29
N ASN F 313 39.95 -21.10 6.09
CA ASN F 313 39.19 -19.97 5.58
C ASN F 313 37.72 -20.18 5.85
N SER F 314 37.15 -19.37 6.73
CA SER F 314 35.73 -19.39 7.03
C SER F 314 35.05 -18.20 6.36
N LEU F 315 33.89 -18.45 5.77
CA LEU F 315 33.09 -17.39 5.20
C LEU F 315 32.75 -16.35 6.24
N MET F 316 32.67 -15.09 5.82
CA MET F 316 32.26 -14.02 6.73
C MET F 316 30.74 -13.93 6.62
N ASN F 317 30.05 -14.42 7.64
CA ASN F 317 28.60 -14.40 7.64
C ASN F 317 28.08 -14.11 9.04
N PRO F 318 27.13 -13.16 9.15
CA PRO F 318 26.84 -12.12 8.16
C PRO F 318 27.96 -11.08 8.09
N GLY F 319 28.69 -10.91 9.18
CA GLY F 319 29.77 -9.95 9.22
C GLY F 319 29.38 -8.66 9.89
N PRO F 320 30.19 -7.60 9.71
CA PRO F 320 29.86 -6.31 10.31
C PRO F 320 28.52 -5.80 9.80
N ALA F 321 27.89 -4.93 10.59
CA ALA F 321 26.60 -4.38 10.22
C ALA F 321 26.80 -3.34 9.13
N MET F 322 26.14 -3.54 7.99
CA MET F 322 26.25 -2.64 6.85
C MET F 322 24.91 -2.63 6.12
N ALA F 323 24.63 -1.49 5.49
CA ALA F 323 23.41 -1.37 4.72
C ALA F 323 23.41 -2.35 3.54
N SER F 324 22.30 -3.05 3.37
CA SER F 324 22.26 -4.14 2.42
C SER F 324 22.39 -3.64 0.98
N HIS F 325 21.80 -2.50 0.68
CA HIS F 325 21.79 -2.01 -0.69
C HIS F 325 21.56 -0.51 -0.68
N LYS F 326 21.95 0.14 -1.77
CA LYS F 326 21.75 1.58 -1.88
C LYS F 326 20.27 1.90 -1.98
N GLU F 327 19.95 3.16 -1.72
CA GLU F 327 18.58 3.61 -1.84
C GLU F 327 18.03 3.34 -3.23
N GLY F 328 16.86 2.72 -3.28
CA GLY F 328 16.19 2.47 -4.53
C GLY F 328 16.45 1.12 -5.14
N GLU F 329 17.50 0.42 -4.74
CA GLU F 329 17.83 -0.88 -5.31
C GLU F 329 17.40 -1.95 -4.30
N ASP F 330 16.28 -2.60 -4.57
CA ASP F 330 15.81 -3.64 -3.66
C ASP F 330 16.18 -5.01 -4.18
N ARG F 331 16.74 -5.07 -5.38
CA ARG F 331 16.93 -6.33 -6.08
C ARG F 331 18.32 -6.89 -5.78
N PHE F 332 19.13 -6.13 -5.08
CA PHE F 332 20.51 -6.49 -4.78
C PHE F 332 20.63 -6.85 -3.31
N PHE F 333 21.38 -7.91 -3.03
CA PHE F 333 21.67 -8.26 -1.65
C PHE F 333 23.12 -8.70 -1.57
N PRO F 334 23.78 -8.45 -0.44
CA PRO F 334 25.16 -8.90 -0.30
C PRO F 334 25.22 -10.41 -0.25
N LEU F 335 26.30 -10.96 -0.79
CA LEU F 335 26.43 -12.40 -0.93
C LEU F 335 26.22 -13.10 0.40
N SER F 336 27.15 -12.93 1.34
CA SER F 336 27.03 -13.51 2.66
C SER F 336 26.53 -12.54 3.71
N GLY F 337 26.20 -11.30 3.34
CA GLY F 337 26.02 -10.27 4.33
C GLY F 337 24.65 -10.16 4.97
N SER F 338 23.81 -11.18 4.85
CA SER F 338 22.46 -11.09 5.38
C SER F 338 22.06 -12.39 6.04
N LEU F 339 20.96 -12.34 6.78
CA LEU F 339 20.38 -13.54 7.36
C LEU F 339 19.24 -14.01 6.46
N ILE F 340 19.25 -15.31 6.16
CA ILE F 340 18.32 -15.88 5.19
C ILE F 340 17.54 -16.99 5.88
N PHE F 341 16.24 -16.79 6.04
CA PHE F 341 15.37 -17.78 6.65
C PHE F 341 14.60 -18.52 5.57
N GLY F 342 14.36 -19.80 5.80
CA GLY F 342 13.57 -20.60 4.90
C GLY F 342 12.09 -20.49 5.21
N LYS F 343 11.29 -20.56 4.16
CA LYS F 343 9.85 -20.62 4.33
C LYS F 343 9.43 -22.00 4.78
N GLN F 344 8.22 -22.09 5.32
CA GLN F 344 7.72 -23.36 5.79
C GLN F 344 7.73 -24.39 4.68
N GLY F 345 8.26 -25.57 4.95
CA GLY F 345 8.33 -26.60 3.95
C GLY F 345 9.54 -26.55 3.05
N THR F 346 10.28 -25.44 3.06
CA THR F 346 11.47 -25.31 2.23
C THR F 346 12.46 -26.43 2.53
N GLY F 347 12.92 -27.10 1.48
CA GLY F 347 13.77 -28.25 1.67
C GLY F 347 15.12 -27.88 2.25
N ARG F 348 15.96 -28.90 2.41
CA ARG F 348 17.24 -28.66 3.06
C ARG F 348 18.29 -28.14 2.08
N ASP F 349 18.24 -28.56 0.83
CA ASP F 349 19.38 -28.43 -0.07
C ASP F 349 18.97 -27.93 -1.46
N ASN F 350 19.64 -26.87 -1.90
CA ASN F 350 19.52 -26.34 -3.26
C ASN F 350 18.08 -25.95 -3.59
N VAL F 351 17.49 -25.13 -2.74
CA VAL F 351 16.14 -24.68 -2.98
C VAL F 351 16.17 -23.39 -3.79
N ASP F 352 15.04 -23.03 -4.37
CA ASP F 352 14.92 -21.82 -5.19
C ASP F 352 14.94 -20.56 -4.33
N ALA F 353 15.21 -19.43 -4.98
CA ALA F 353 15.30 -18.15 -4.30
C ALA F 353 14.01 -17.76 -3.62
N ASP F 354 12.88 -18.05 -4.25
CA ASP F 354 11.58 -17.73 -3.68
C ASP F 354 11.34 -18.49 -2.38
N LYS F 355 11.78 -19.75 -2.31
CA LYS F 355 11.59 -20.58 -1.13
C LYS F 355 12.22 -20.09 0.17
N VAL F 356 13.03 -19.04 0.11
CA VAL F 356 13.71 -18.54 1.29
C VAL F 356 13.40 -17.07 1.45
N MET F 357 13.69 -16.56 2.64
CA MET F 357 13.36 -15.19 3.02
C MET F 357 14.67 -14.46 3.30
N ILE F 358 15.00 -13.50 2.47
CA ILE F 358 16.26 -12.78 2.55
C ILE F 358 15.98 -11.44 3.24
N THR F 359 16.58 -11.25 4.40
CA THR F 359 16.36 -10.02 5.14
C THR F 359 17.21 -8.90 4.57
N ASN F 360 16.78 -7.66 4.79
CA ASN F 360 17.54 -6.49 4.40
C ASN F 360 17.70 -5.55 5.60
N GLU F 361 18.86 -4.91 5.65
CA GLU F 361 19.25 -4.02 6.73
C GLU F 361 18.94 -2.56 6.41
N GLU F 362 18.17 -2.33 5.35
CA GLU F 362 18.08 -1.02 4.72
C GLU F 362 17.89 0.12 5.72
N GLU F 363 17.31 -0.15 6.89
CA GLU F 363 17.06 0.92 7.85
C GLU F 363 18.33 1.66 8.25
N ILE F 364 19.46 0.96 8.28
CA ILE F 364 20.67 1.50 8.91
C ILE F 364 21.52 2.24 7.89
N LYS F 365 21.00 2.44 6.69
CA LYS F 365 21.77 3.12 5.65
C LYS F 365 22.15 4.52 6.08
N THR F 366 21.54 5.03 7.14
CA THR F 366 21.85 6.37 7.61
C THR F 366 23.25 6.45 8.21
N THR F 367 23.54 5.61 9.19
CA THR F 367 24.82 5.68 9.87
C THR F 367 25.86 4.70 9.35
N ASN F 368 25.49 3.73 8.52
CA ASN F 368 26.43 2.69 8.18
C ASN F 368 26.71 2.67 6.68
N PRO F 369 27.93 2.35 6.28
CA PRO F 369 28.24 2.23 4.85
C PRO F 369 27.55 1.02 4.24
N VAL F 370 27.29 1.13 2.94
CA VAL F 370 26.59 0.06 2.23
C VAL F 370 27.51 -1.14 2.09
N ALA F 371 26.95 -2.34 2.27
CA ALA F 371 27.77 -3.54 2.33
C ALA F 371 28.55 -3.79 1.04
N THR F 372 27.99 -3.41 -0.10
CA THR F 372 28.60 -3.73 -1.39
C THR F 372 29.46 -2.61 -1.94
N GLU F 373 29.53 -1.47 -1.26
CA GLU F 373 30.23 -0.29 -1.73
C GLU F 373 31.54 -0.14 -0.98
N SER F 374 32.54 0.43 -1.65
CA SER F 374 33.78 0.77 -0.99
C SER F 374 33.51 1.79 0.11
N TYR F 375 34.37 1.78 1.13
CA TYR F 375 34.19 2.73 2.21
C TYR F 375 34.40 4.16 1.72
N GLY F 376 35.39 4.36 0.86
CA GLY F 376 35.71 5.70 0.40
C GLY F 376 37.02 5.70 -0.36
N GLN F 377 37.65 6.86 -0.41
CA GLN F 377 38.91 7.03 -1.11
C GLN F 377 39.96 7.64 -0.20
N VAL F 378 41.22 7.31 -0.49
CA VAL F 378 42.39 7.88 0.16
C VAL F 378 43.43 8.19 -0.90
N ALA F 379 44.21 9.23 -0.65
CA ALA F 379 45.30 9.59 -1.54
C ALA F 379 46.40 8.55 -1.44
N THR F 380 46.91 8.09 -2.57
CA THR F 380 47.98 7.11 -2.56
C THR F 380 49.36 7.67 -2.85
N ASN F 381 49.51 8.99 -3.04
CA ASN F 381 50.83 9.51 -3.36
C ASN F 381 50.95 10.94 -2.85
N HIS F 382 52.11 11.56 -3.08
CA HIS F 382 52.32 12.98 -2.94
C HIS F 382 52.30 13.62 -4.31
N GLN F 383 51.36 14.54 -4.53
CA GLN F 383 51.35 15.27 -5.79
C GLN F 383 52.55 16.19 -5.88
N SER F 384 52.87 16.59 -7.10
CA SER F 384 53.88 17.58 -7.38
C SER F 384 53.65 18.05 -8.81
N ALA F 385 54.46 19.00 -9.25
CA ALA F 385 54.33 19.47 -10.63
C ALA F 385 54.46 18.33 -11.62
N GLN F 386 55.19 17.27 -11.25
CA GLN F 386 55.38 16.10 -12.10
C GLN F 386 54.47 14.93 -11.72
N ALA F 387 53.63 15.06 -10.69
CA ALA F 387 52.85 13.94 -10.21
C ALA F 387 51.39 14.32 -10.09
N GLN F 388 50.52 13.58 -10.76
CA GLN F 388 49.10 13.77 -10.59
C GLN F 388 48.62 13.12 -9.30
N ALA F 389 47.61 13.74 -8.70
CA ALA F 389 47.04 13.19 -7.48
C ALA F 389 46.43 11.82 -7.73
N GLN F 390 46.87 10.83 -6.97
CA GLN F 390 46.39 9.47 -7.13
C GLN F 390 45.61 9.07 -5.90
N THR F 391 44.60 8.23 -6.09
CA THR F 391 43.74 7.75 -5.03
C THR F 391 43.59 6.25 -5.15
N GLY F 392 43.00 5.66 -4.13
CA GLY F 392 42.63 4.25 -4.17
C GLY F 392 41.35 4.08 -3.39
N TRP F 393 40.70 2.95 -3.63
CA TRP F 393 39.47 2.65 -2.93
C TRP F 393 39.78 1.94 -1.63
N VAL F 394 39.02 2.25 -0.60
CA VAL F 394 39.13 1.55 0.68
C VAL F 394 38.10 0.44 0.71
N GLN F 395 38.58 -0.80 0.60
CA GLN F 395 37.66 -1.94 0.52
C GLN F 395 37.30 -2.47 1.90
N ASN F 396 38.05 -2.07 2.92
CA ASN F 396 37.82 -2.50 4.29
C ASN F 396 38.33 -1.42 5.23
N GLN F 397 37.66 -1.27 6.36
CA GLN F 397 37.97 -0.18 7.27
C GLN F 397 37.81 -0.65 8.71
N GLY F 398 38.79 -0.33 9.54
CA GLY F 398 38.69 -0.57 10.97
C GLY F 398 38.16 0.64 11.69
N ILE F 399 37.92 0.46 12.99
CA ILE F 399 37.38 1.54 13.82
C ILE F 399 38.31 2.73 13.79
N LEU F 400 37.73 3.91 13.67
CA LEU F 400 38.42 5.18 13.81
C LEU F 400 37.75 6.02 14.89
N PRO F 401 38.48 6.97 15.49
CA PRO F 401 37.83 7.93 16.38
C PRO F 401 36.79 8.74 15.62
N GLY F 402 35.59 8.79 16.17
CA GLY F 402 34.52 9.55 15.56
C GLY F 402 33.49 8.73 14.80
N MET F 403 33.70 7.43 14.64
CA MET F 403 32.69 6.60 13.99
C MET F 403 31.51 6.36 14.90
N VAL F 404 30.35 6.19 14.28
CA VAL F 404 29.14 5.76 14.95
C VAL F 404 28.49 4.71 14.07
N TRP F 405 27.74 3.81 14.69
CA TRP F 405 27.14 2.74 13.90
C TRP F 405 25.94 2.16 14.62
N GLN F 406 25.13 1.44 13.86
CA GLN F 406 24.00 0.69 14.37
C GLN F 406 24.29 -0.80 14.29
N ASP F 407 23.73 -1.55 15.23
CA ASP F 407 23.91 -2.98 15.21
C ASP F 407 22.91 -3.61 14.24
N ARG F 408 23.03 -4.91 14.05
CA ARG F 408 22.13 -5.60 13.15
C ARG F 408 20.81 -5.87 13.86
N ASP F 409 19.72 -5.57 13.16
CA ASP F 409 18.39 -5.70 13.74
C ASP F 409 18.11 -7.16 14.07
N VAL F 410 17.20 -7.36 15.01
CA VAL F 410 16.79 -8.69 15.43
C VAL F 410 15.43 -8.98 14.84
N TYR F 411 15.16 -10.25 14.57
CA TYR F 411 13.96 -10.65 13.88
C TYR F 411 13.16 -11.60 14.74
N LEU F 412 11.85 -11.66 14.48
CA LEU F 412 10.98 -12.60 15.18
C LEU F 412 11.55 -14.01 15.11
N GLN F 413 12.21 -14.35 14.01
CA GLN F 413 12.77 -15.67 13.79
C GLN F 413 14.21 -15.78 14.28
N GLY F 414 14.77 -14.72 14.83
CA GLY F 414 16.20 -14.66 15.03
C GLY F 414 16.65 -14.91 16.46
N PRO F 415 17.96 -14.99 16.65
CA PRO F 415 18.51 -15.33 17.97
C PRO F 415 18.45 -14.14 18.91
N ILE F 416 18.52 -14.44 20.20
CA ILE F 416 18.42 -13.41 21.23
C ILE F 416 19.80 -13.06 21.76
N TRP F 417 20.44 -13.98 22.47
CA TRP F 417 21.76 -13.73 23.04
C TRP F 417 22.86 -14.53 22.35
N LEU F 485 11.29 -2.24 28.67
CA LEU F 485 10.86 -1.50 27.49
C LEU F 485 11.29 -0.06 27.57
N GLN F 486 11.42 0.59 26.41
CA GLN F 486 11.82 1.99 26.32
C GLN F 486 10.87 2.71 25.35
N LYS F 487 10.09 3.64 25.90
CA LYS F 487 8.98 4.26 25.18
C LYS F 487 9.43 5.41 24.28
N GLU F 488 8.60 5.70 23.27
CA GLU F 488 8.81 6.82 22.36
C GLU F 488 8.33 8.13 22.96
N ASN F 489 9.25 9.10 23.03
CA ASN F 489 8.93 10.46 23.48
C ASN F 489 8.80 11.45 22.32
N SER F 490 8.94 11.00 21.08
CA SER F 490 9.27 11.92 19.98
C SER F 490 8.17 12.93 19.71
N LYS F 491 8.57 14.08 19.15
CA LYS F 491 7.69 15.16 18.79
C LYS F 491 7.28 15.14 17.32
N ARG F 492 7.65 14.09 16.59
CA ARG F 492 7.42 14.04 15.15
C ARG F 492 5.96 14.34 14.81
N TRP F 493 5.76 15.24 13.85
CA TRP F 493 4.42 15.71 13.55
C TRP F 493 3.66 14.73 12.65
N ASN F 494 4.30 14.26 11.58
CA ASN F 494 3.62 13.42 10.62
C ASN F 494 3.55 11.98 11.12
N PRO F 495 2.54 11.23 10.70
CA PRO F 495 2.36 9.88 11.23
C PRO F 495 3.46 8.92 10.83
N GLU F 496 3.67 7.92 11.69
CA GLU F 496 4.74 6.94 11.57
C GLU F 496 4.45 5.88 10.51
N ILE F 497 5.52 5.19 10.12
CA ILE F 497 5.42 3.87 9.52
C ILE F 497 5.14 2.85 10.62
N GLN F 498 4.18 1.97 10.37
CA GLN F 498 3.83 0.93 11.31
C GLN F 498 3.86 -0.40 10.59
N TYR F 499 3.82 -1.49 11.34
CA TYR F 499 3.79 -2.81 10.74
C TYR F 499 2.37 -3.32 10.77
N THR F 500 1.74 -3.41 9.62
CA THR F 500 0.35 -3.86 9.54
C THR F 500 0.15 -5.06 8.64
N SER F 501 -0.77 -5.95 9.02
CA SER F 501 -1.10 -7.10 8.22
C SER F 501 -1.86 -6.61 6.98
N ASN F 502 -1.68 -7.29 5.86
CA ASN F 502 -2.31 -6.86 4.62
C ASN F 502 -3.83 -6.88 4.64
N TYR F 503 -4.41 -5.80 4.12
CA TYR F 503 -5.87 -5.61 4.03
C TYR F 503 -6.64 -6.57 3.12
N TYR F 504 -6.04 -6.98 2.01
CA TYR F 504 -6.70 -7.82 1.01
C TYR F 504 -7.03 -9.24 1.41
N LYS F 505 -8.11 -9.75 0.81
CA LYS F 505 -8.59 -11.10 1.06
C LYS F 505 -7.60 -12.10 0.49
N SER F 506 -7.42 -13.21 1.20
CA SER F 506 -6.51 -14.26 0.80
C SER F 506 -7.10 -15.63 1.10
N ASN F 507 -6.56 -16.67 0.48
CA ASN F 507 -7.04 -18.02 0.71
C ASN F 507 -6.83 -18.42 2.16
N ASN F 508 -5.68 -18.06 2.73
CA ASN F 508 -5.41 -18.38 4.12
C ASN F 508 -4.76 -17.18 4.82
N VAL F 509 -5.08 -17.00 6.10
CA VAL F 509 -4.56 -15.89 6.90
C VAL F 509 -3.07 -16.02 7.19
N GLU F 510 -2.35 -14.90 7.18
CA GLU F 510 -0.93 -14.89 7.48
C GLU F 510 -0.73 -15.16 8.97
N PHE F 511 0.37 -15.80 9.32
CA PHE F 511 0.72 -16.16 10.69
C PHE F 511 -0.34 -17.00 11.38
N ALA F 512 -0.90 -17.95 10.62
CA ALA F 512 -1.91 -18.86 11.13
C ALA F 512 -1.71 -20.21 10.47
N VAL F 513 -2.61 -21.16 10.74
CA VAL F 513 -2.51 -22.48 10.13
C VAL F 513 -3.37 -22.60 8.88
N ASN F 514 -3.01 -23.49 7.98
CA ASN F 514 -3.78 -23.70 6.75
C ASN F 514 -4.80 -24.82 6.94
N THR F 515 -5.27 -25.42 5.85
CA THR F 515 -6.25 -26.49 5.97
C THR F 515 -5.63 -27.77 6.51
N GLU F 516 -4.37 -28.03 6.17
CA GLU F 516 -3.70 -29.23 6.66
C GLU F 516 -3.29 -29.11 8.12
N GLY F 517 -3.46 -27.95 8.73
CA GLY F 517 -2.98 -27.74 10.07
C GLY F 517 -1.49 -27.51 10.18
N VAL F 518 -0.90 -26.78 9.24
CA VAL F 518 0.53 -26.50 9.28
C VAL F 518 0.73 -25.00 9.49
N TYR F 519 1.22 -24.64 10.67
CA TYR F 519 1.50 -23.25 11.00
C TYR F 519 2.72 -22.79 10.22
N SER F 520 2.70 -21.53 9.79
CA SER F 520 3.77 -21.01 8.94
C SER F 520 3.99 -19.54 9.23
N GLU F 521 5.22 -19.10 9.00
CA GLU F 521 5.59 -17.70 9.15
C GLU F 521 5.93 -17.21 7.75
N PRO F 522 5.06 -16.37 7.18
CA PRO F 522 5.22 -15.84 5.82
C PRO F 522 6.50 -15.07 5.55
N ARG F 523 6.80 -14.05 6.35
CA ARG F 523 8.00 -13.25 6.11
C ARG F 523 8.77 -12.90 7.37
N PRO F 524 10.06 -12.59 7.21
CA PRO F 524 10.91 -12.23 8.34
C PRO F 524 10.46 -10.86 8.83
N ILE F 525 10.41 -10.66 10.14
CA ILE F 525 9.96 -9.38 10.66
C ILE F 525 11.01 -8.72 11.53
N GLY F 526 11.50 -7.57 11.09
CA GLY F 526 12.49 -6.82 11.83
C GLY F 526 11.84 -5.97 12.91
N THR F 527 12.69 -5.33 13.70
CA THR F 527 12.20 -4.57 14.84
C THR F 527 12.12 -3.07 14.61
N ARG F 528 12.60 -2.55 13.47
CA ARG F 528 12.85 -1.12 13.33
C ARG F 528 11.82 -0.49 12.40
N TYR F 529 10.90 0.26 12.99
CA TYR F 529 9.84 0.97 12.31
C TYR F 529 9.75 2.43 12.75
N LEU F 530 9.60 2.69 14.03
CA LEU F 530 9.60 4.04 14.55
C LEU F 530 10.93 4.74 14.23
N THR F 531 10.90 6.06 14.30
CA THR F 531 12.05 6.87 13.93
C THR F 531 12.54 7.71 15.10
N ARG F 532 13.83 8.01 15.10
CA ARG F 532 14.44 8.97 16.00
C ARG F 532 15.25 9.96 15.19
N ASN F 533 15.60 11.07 15.82
CA ASN F 533 16.57 11.97 15.23
C ASN F 533 17.96 11.43 15.43
N LEU F 534 18.83 11.71 14.47
CA LEU F 534 20.20 11.23 14.54
C LEU F 534 20.99 12.03 15.57
N GLU G 1 11.99 -0.29 -9.21
CA GLU G 1 12.15 -0.78 -10.58
C GLU G 1 10.82 -1.07 -11.24
N VAL G 2 9.88 -1.60 -10.47
CA VAL G 2 8.52 -1.90 -10.93
C VAL G 2 8.49 -2.77 -12.20
N GLN G 3 9.34 -3.78 -12.24
CA GLN G 3 9.40 -4.67 -13.40
C GLN G 3 8.13 -5.48 -13.60
N LEU G 4 7.65 -5.55 -14.84
CA LEU G 4 6.44 -6.29 -15.14
C LEU G 4 6.70 -7.40 -16.15
N LEU G 5 6.50 -8.65 -15.73
CA LEU G 5 6.72 -9.77 -16.62
C LEU G 5 5.45 -10.59 -16.80
N GLU G 6 5.11 -10.84 -18.06
CA GLU G 6 3.91 -11.61 -18.38
C GLU G 6 4.26 -12.70 -19.37
N SER G 7 3.58 -13.82 -19.29
CA SER G 7 3.81 -14.93 -20.21
C SER G 7 2.52 -15.44 -20.81
N GLY G 8 2.52 -15.67 -22.11
CA GLY G 8 1.32 -16.16 -22.79
C GLY G 8 1.63 -16.89 -24.08
N GLY G 9 0.64 -17.62 -24.60
CA GLY G 9 0.83 -18.38 -25.82
C GLY G 9 0.95 -17.47 -27.03
N GLY G 10 1.59 -18.00 -28.08
CA GLY G 10 1.74 -17.22 -29.31
C GLY G 10 0.80 -17.67 -30.41
N LEU G 11 0.12 -18.79 -30.20
CA LEU G 11 -0.77 -19.34 -31.22
C LEU G 11 -1.88 -20.12 -30.56
N VAL G 12 -3.06 -20.08 -31.19
CA VAL G 12 -4.20 -20.88 -30.77
C VAL G 12 -5.13 -21.03 -31.96
N GLN G 13 -6.01 -22.02 -31.90
CA GLN G 13 -7.03 -22.16 -32.92
C GLN G 13 -8.21 -21.24 -32.61
N PRO G 14 -8.78 -20.62 -33.64
CA PRO G 14 -9.93 -19.73 -33.42
C PRO G 14 -11.06 -20.44 -32.67
N GLY G 15 -11.69 -19.71 -31.76
CA GLY G 15 -12.67 -20.32 -30.88
C GLY G 15 -12.03 -20.98 -29.68
N GLY G 16 -10.73 -20.84 -29.51
CA GLY G 16 -10.01 -21.49 -28.43
C GLY G 16 -9.82 -20.63 -27.21
N SER G 17 -8.93 -21.03 -26.31
CA SER G 17 -8.72 -20.30 -25.08
C SER G 17 -7.24 -20.14 -24.78
N LEU G 18 -6.93 -19.21 -23.89
CA LEU G 18 -5.56 -18.99 -23.44
C LEU G 18 -5.61 -18.28 -22.11
N ARG G 19 -4.52 -18.33 -21.35
CA ARG G 19 -4.43 -17.66 -20.06
C ARG G 19 -3.15 -16.86 -19.99
N LEU G 20 -3.26 -15.55 -19.87
CA LEU G 20 -2.12 -14.66 -19.70
C LEU G 20 -1.87 -14.44 -18.22
N SER G 21 -0.60 -14.41 -17.84
CA SER G 21 -0.21 -14.17 -16.47
C SER G 21 0.87 -13.10 -16.44
N CYS G 22 0.62 -12.02 -15.71
CA CYS G 22 1.59 -10.96 -15.48
C CYS G 22 2.02 -11.01 -14.03
N GLU G 23 3.32 -11.15 -13.80
CA GLU G 23 3.88 -11.22 -12.46
C GLU G 23 4.64 -9.93 -12.16
N ALA G 24 4.37 -9.36 -10.99
CA ALA G 24 4.83 -8.02 -10.65
C ALA G 24 5.86 -8.07 -9.54
N SER G 25 6.76 -7.09 -9.56
CA SER G 25 7.74 -6.92 -8.50
C SER G 25 8.21 -5.48 -8.47
N GLY G 26 8.69 -5.06 -7.31
CA GLY G 26 9.28 -3.74 -7.16
C GLY G 26 8.34 -2.68 -6.64
N PHE G 27 7.11 -3.05 -6.33
CA PHE G 27 6.15 -2.10 -5.78
C PHE G 27 5.07 -2.89 -5.05
N THR G 28 4.17 -2.20 -4.35
CA THR G 28 3.14 -2.92 -3.64
C THR G 28 2.04 -3.21 -4.63
N PHE G 29 1.89 -4.48 -4.97
CA PHE G 29 0.89 -4.91 -5.93
C PHE G 29 -0.53 -4.59 -5.49
N SER G 30 -0.80 -4.77 -4.21
CA SER G 30 -2.12 -4.53 -3.65
C SER G 30 -2.58 -3.07 -3.74
N ARG G 31 -1.64 -2.15 -3.52
CA ARG G 31 -1.95 -0.73 -3.53
C ARG G 31 -2.46 -0.16 -4.85
N TYR G 32 -1.89 -0.57 -5.97
CA TYR G 32 -2.30 -0.01 -7.25
C TYR G 32 -3.20 -0.87 -8.11
N PRO G 33 -3.99 -0.21 -8.96
CA PRO G 33 -4.89 -0.82 -9.95
C PRO G 33 -4.07 -1.33 -11.12
N MET G 34 -4.60 -2.27 -11.88
CA MET G 34 -3.86 -2.87 -12.99
C MET G 34 -4.81 -2.99 -14.17
N ASN G 35 -4.27 -3.26 -15.35
CA ASN G 35 -5.08 -3.45 -16.54
C ASN G 35 -4.22 -3.82 -17.74
N TRP G 36 -4.89 -4.34 -18.76
CA TRP G 36 -4.23 -4.80 -19.98
C TRP G 36 -4.47 -3.88 -21.15
N VAL G 37 -3.42 -3.59 -21.90
CA VAL G 37 -3.50 -2.76 -23.07
C VAL G 37 -3.06 -3.62 -24.24
N ARG G 38 -3.85 -3.62 -25.31
CA ARG G 38 -3.55 -4.45 -26.47
C ARG G 38 -3.18 -3.64 -27.69
N GLN G 39 -2.06 -3.99 -28.31
CA GLN G 39 -1.62 -3.29 -29.51
C GLN G 39 -1.58 -4.23 -30.70
N ALA G 40 -2.28 -3.87 -31.76
CA ALA G 40 -2.30 -4.66 -32.99
C ALA G 40 -1.05 -4.37 -33.78
N PRO G 41 -0.66 -5.28 -34.68
CA PRO G 41 0.55 -4.98 -35.44
C PRO G 41 0.33 -3.73 -36.28
N GLY G 42 1.28 -2.80 -36.23
CA GLY G 42 1.18 -1.55 -36.98
C GLY G 42 -0.06 -0.73 -36.67
N LYS G 43 -0.47 -0.70 -35.41
CA LYS G 43 -1.66 0.02 -34.99
C LYS G 43 -1.48 0.62 -33.59
N GLY G 44 -2.31 1.60 -33.26
CA GLY G 44 -2.26 2.24 -31.96
C GLY G 44 -2.75 1.32 -30.85
N LEU G 45 -2.27 1.55 -29.64
CA LEU G 45 -2.67 0.74 -28.50
C LEU G 45 -4.15 0.92 -28.19
N GLU G 46 -4.82 -0.18 -27.86
CA GLU G 46 -6.23 -0.11 -27.51
C GLU G 46 -6.42 -0.76 -26.14
N TRP G 47 -7.18 -0.10 -25.28
CA TRP G 47 -7.42 -0.61 -23.93
C TRP G 47 -8.42 -1.77 -23.94
N VAL G 48 -8.10 -2.82 -23.20
CA VAL G 48 -8.95 -4.01 -23.12
C VAL G 48 -9.76 -3.99 -21.84
N SER G 49 -9.11 -4.25 -20.71
CA SER G 49 -9.84 -4.39 -19.45
C SER G 49 -9.17 -3.57 -18.37
N HIS G 50 -9.74 -3.65 -17.17
CA HIS G 50 -9.28 -2.93 -15.99
C HIS G 50 -9.71 -3.69 -14.76
N ILE G 51 -8.88 -3.71 -13.72
CA ILE G 51 -9.23 -4.34 -12.46
C ILE G 51 -8.68 -3.52 -11.31
N SER G 52 -9.50 -3.32 -10.28
CA SER G 52 -9.12 -2.56 -9.09
C SER G 52 -8.13 -3.32 -8.21
N ALA G 53 -7.47 -2.61 -7.31
CA ALA G 53 -6.47 -3.23 -6.43
C ALA G 53 -7.12 -4.31 -5.58
N SER G 54 -8.32 -4.04 -5.06
CA SER G 54 -9.08 -5.00 -4.29
C SER G 54 -9.49 -6.17 -5.18
N GLY G 55 -9.83 -5.87 -6.43
CA GLY G 55 -10.28 -6.85 -7.40
C GLY G 55 -11.78 -6.93 -7.45
N GLY G 56 -12.44 -6.14 -6.63
CA GLY G 56 -13.89 -6.11 -6.58
C GLY G 56 -14.56 -5.63 -7.86
N THR G 57 -13.99 -4.61 -8.49
CA THR G 57 -14.58 -4.05 -9.71
C THR G 57 -13.69 -4.23 -10.94
N THR G 58 -14.28 -4.68 -12.04
CA THR G 58 -13.56 -4.92 -13.28
C THR G 58 -14.34 -4.32 -14.44
N TYR G 59 -13.62 -3.77 -15.41
CA TYR G 59 -14.25 -3.16 -16.57
C TYR G 59 -13.68 -3.80 -17.83
N TYR G 60 -14.44 -3.71 -18.92
CA TYR G 60 -14.11 -4.42 -20.14
C TYR G 60 -14.43 -3.54 -21.34
N ALA G 61 -13.75 -3.82 -22.45
CA ALA G 61 -14.09 -3.16 -23.70
C ALA G 61 -15.33 -3.81 -24.31
N ASP G 62 -16.10 -3.00 -25.04
CA ASP G 62 -17.28 -3.52 -25.70
C ASP G 62 -16.94 -4.66 -26.64
N THR G 63 -15.87 -4.47 -27.43
CA THR G 63 -15.39 -5.55 -28.28
C THR G 63 -15.21 -6.84 -27.48
N VAL G 64 -14.59 -6.74 -26.31
CA VAL G 64 -14.22 -7.90 -25.50
C VAL G 64 -15.30 -8.28 -24.51
N LYS G 65 -16.32 -7.45 -24.31
CA LYS G 65 -17.22 -7.58 -23.17
C LYS G 65 -17.83 -8.97 -23.07
N GLY G 66 -17.64 -9.61 -21.92
CA GLY G 66 -18.13 -10.94 -21.67
C GLY G 66 -17.28 -12.05 -22.22
N ARG G 67 -16.41 -11.77 -23.19
CA ARG G 67 -15.62 -12.84 -23.79
C ARG G 67 -14.34 -13.10 -22.99
N PHE G 68 -13.74 -12.07 -22.40
CA PHE G 68 -12.51 -12.24 -21.60
C PHE G 68 -12.82 -11.93 -20.15
N SER G 69 -11.99 -12.47 -19.25
CA SER G 69 -12.13 -12.23 -17.82
C SER G 69 -10.77 -11.95 -17.21
N ILE G 70 -10.68 -10.86 -16.46
CA ILE G 70 -9.45 -10.39 -15.85
C ILE G 70 -9.46 -10.78 -14.38
N SER G 71 -8.29 -11.13 -13.85
CA SER G 71 -8.19 -11.59 -12.48
C SER G 71 -6.88 -11.14 -11.85
N ARG G 72 -6.95 -10.87 -10.56
CA ARG G 72 -5.82 -10.45 -9.75
C ARG G 72 -5.61 -11.45 -8.63
N ASP G 73 -4.36 -11.66 -8.24
CA ASP G 73 -4.06 -12.35 -6.99
C ASP G 73 -3.00 -11.52 -6.28
N ASN G 74 -3.38 -10.94 -5.14
CA ASN G 74 -2.46 -10.05 -4.44
C ASN G 74 -1.40 -10.84 -3.70
N SER G 75 -1.80 -11.95 -3.09
CA SER G 75 -0.84 -12.77 -2.36
C SER G 75 0.24 -13.31 -3.28
N LYS G 76 -0.15 -14.05 -4.32
CA LYS G 76 0.81 -14.57 -5.29
C LYS G 76 1.40 -13.49 -6.17
N ASN G 77 0.92 -12.25 -6.05
CA ASN G 77 1.59 -11.10 -6.64
C ASN G 77 1.56 -11.16 -8.16
N THR G 78 0.48 -11.70 -8.73
CA THR G 78 0.36 -11.87 -10.16
C THR G 78 -0.97 -11.33 -10.66
N LEU G 79 -0.98 -10.92 -11.93
CA LEU G 79 -2.17 -10.47 -12.63
C LEU G 79 -2.49 -11.46 -13.74
N TYR G 80 -3.77 -11.76 -13.92
CA TYR G 80 -4.20 -12.74 -14.90
C TYR G 80 -5.16 -12.11 -15.89
N LEU G 81 -5.11 -12.60 -17.12
CA LEU G 81 -6.17 -12.36 -18.10
C LEU G 81 -6.51 -13.69 -18.76
N GLU G 82 -7.73 -14.15 -18.54
CA GLU G 82 -8.20 -15.38 -19.15
C GLU G 82 -9.06 -15.03 -20.35
N MET G 83 -8.55 -15.28 -21.55
CA MET G 83 -9.29 -15.01 -22.76
C MET G 83 -9.62 -16.33 -23.44
N ASN G 84 -10.80 -16.39 -24.04
CA ASN G 84 -11.28 -17.59 -24.68
C ASN G 84 -12.26 -17.22 -25.78
N SER G 85 -12.50 -18.17 -26.67
CA SER G 85 -13.32 -17.94 -27.86
C SER G 85 -12.73 -16.82 -28.72
N LEU G 86 -11.41 -16.86 -28.89
CA LEU G 86 -10.74 -15.79 -29.61
C LEU G 86 -11.11 -15.78 -31.09
N ARG G 87 -10.88 -14.64 -31.72
CA ARG G 87 -11.10 -14.47 -33.14
C ARG G 87 -9.86 -13.87 -33.77
N ALA G 88 -9.78 -13.96 -35.10
CA ALA G 88 -8.60 -13.50 -35.81
C ALA G 88 -8.31 -12.04 -35.54
N GLU G 89 -9.34 -11.27 -35.17
CA GLU G 89 -9.17 -9.85 -34.92
C GLU G 89 -8.39 -9.60 -33.64
N ASP G 90 -8.37 -10.59 -32.75
CA ASP G 90 -7.75 -10.43 -31.45
C ASP G 90 -6.23 -10.49 -31.51
N THR G 91 -5.65 -10.95 -32.61
CA THR G 91 -4.20 -11.05 -32.71
C THR G 91 -3.53 -9.70 -32.48
N ALA G 92 -2.67 -9.62 -31.46
CA ALA G 92 -2.02 -8.37 -31.10
C ALA G 92 -0.98 -8.65 -30.03
N ILE G 93 -0.31 -7.58 -29.60
CA ILE G 93 0.68 -7.64 -28.53
C ILE G 93 0.08 -7.08 -27.26
N TYR G 94 -0.12 -7.94 -26.27
CA TYR G 94 -0.70 -7.54 -25.01
C TYR G 94 0.34 -6.97 -24.04
N PHE G 95 -0.07 -5.99 -23.26
CA PHE G 95 0.81 -5.35 -22.32
C PHE G 95 0.21 -5.35 -20.93
N CYS G 96 1.09 -5.27 -19.94
CA CYS G 96 0.67 -5.24 -18.55
C CYS G 96 0.94 -3.81 -18.13
N ALA G 97 -0.08 -3.11 -17.68
CA ALA G 97 0.09 -1.72 -17.29
C ALA G 97 -0.27 -1.48 -15.83
N LYS G 98 0.62 -0.82 -15.10
CA LYS G 98 0.35 -0.54 -13.70
C LYS G 98 -0.32 0.82 -13.61
N ASP G 99 -1.51 0.84 -13.02
CA ASP G 99 -2.23 2.08 -12.88
C ASP G 99 -1.56 3.01 -11.89
N TYR G 100 -1.59 4.30 -12.18
CA TYR G 100 -1.01 5.32 -11.33
C TYR G 100 -2.12 6.33 -11.12
N PRO G 101 -2.42 6.75 -9.89
CA PRO G 101 -2.02 6.52 -8.50
C PRO G 101 -2.70 5.33 -7.85
N PRO G 102 -2.25 4.99 -6.63
CA PRO G 102 -2.71 3.87 -5.80
C PRO G 102 -4.11 4.08 -5.23
N ASP G 103 -4.80 2.99 -4.94
CA ASP G 103 -6.13 3.07 -4.35
C ASP G 103 -5.96 3.35 -2.88
N GLU G 104 -6.82 4.21 -2.32
CA GLU G 104 -6.72 4.51 -0.91
C GLU G 104 -7.84 3.81 -0.16
N VAL G 105 -7.54 3.35 1.05
CA VAL G 105 -8.45 2.51 1.79
C VAL G 105 -9.57 3.33 2.42
N THR G 106 -9.23 4.52 2.92
CA THR G 106 -10.21 5.27 3.71
C THR G 106 -11.24 5.97 2.83
N MET G 107 -10.81 6.58 1.74
CA MET G 107 -11.74 7.29 0.88
C MET G 107 -12.45 6.34 -0.07
N ILE G 108 -13.55 6.80 -0.64
CA ILE G 108 -14.31 6.01 -1.58
C ILE G 108 -13.44 6.25 -2.80
N VAL G 109 -12.86 5.19 -3.34
CA VAL G 109 -11.92 5.30 -4.45
C VAL G 109 -12.47 5.91 -5.73
N VAL G 110 -11.70 6.84 -6.29
CA VAL G 110 -12.01 7.50 -7.54
C VAL G 110 -10.83 7.13 -8.41
N GLY G 111 -11.07 6.61 -9.60
CA GLY G 111 -9.96 6.18 -10.41
C GLY G 111 -9.59 6.96 -11.66
N MET G 112 -8.34 7.37 -11.74
CA MET G 112 -7.84 8.05 -12.91
C MET G 112 -6.99 7.00 -13.56
N PRO G 113 -7.41 6.50 -14.73
CA PRO G 113 -6.62 5.45 -15.36
C PRO G 113 -5.48 5.87 -16.29
N TYR G 114 -4.41 6.43 -15.74
CA TYR G 114 -3.25 6.75 -16.59
C TYR G 114 -2.15 5.87 -16.05
N PHE G 115 -1.54 5.09 -16.95
CA PHE G 115 -0.54 4.11 -16.55
C PHE G 115 0.91 4.56 -16.42
N ASP G 116 1.41 4.51 -15.20
CA ASP G 116 2.79 4.88 -14.89
C ASP G 116 3.85 3.92 -15.41
N SER G 117 3.61 2.61 -15.29
CA SER G 117 4.59 1.61 -15.73
C SER G 117 3.97 0.51 -16.58
N TRP G 118 4.72 0.05 -17.58
CA TRP G 118 4.23 -0.98 -18.48
C TRP G 118 5.08 -2.25 -18.51
N GLY G 119 4.60 -3.26 -19.22
CA GLY G 119 5.26 -4.52 -19.41
C GLY G 119 5.92 -4.60 -20.77
N LEU G 120 6.78 -5.61 -20.94
CA LEU G 120 7.47 -5.75 -22.21
C LEU G 120 6.55 -6.30 -23.30
N GLY G 121 5.50 -7.01 -22.91
CA GLY G 121 4.48 -7.43 -23.84
C GLY G 121 4.66 -8.88 -24.29
N THR G 122 3.52 -9.52 -24.53
CA THR G 122 3.47 -10.85 -25.12
C THR G 122 2.67 -10.76 -26.40
N LEU G 123 2.85 -11.76 -27.25
CA LEU G 123 2.21 -11.79 -28.55
C LEU G 123 1.26 -12.96 -28.61
N VAL G 124 -0.01 -12.68 -28.87
CA VAL G 124 -1.01 -13.70 -29.15
C VAL G 124 -1.42 -13.56 -30.60
N SER G 125 -1.31 -14.66 -31.35
CA SER G 125 -1.72 -14.68 -32.74
C SER G 125 -2.56 -15.92 -32.99
N VAL G 126 -3.78 -15.73 -33.48
CA VAL G 126 -4.71 -16.83 -33.68
C VAL G 126 -5.05 -16.92 -35.17
N SER G 127 -4.55 -17.98 -35.81
CA SER G 127 -4.88 -18.24 -37.20
C SER G 127 -4.59 -19.71 -37.49
N SER G 128 -5.21 -20.22 -38.55
CA SER G 128 -5.00 -21.60 -38.94
C SER G 128 -4.52 -21.71 -40.38
N GLU H 1 -18.71 6.64 -26.61
CA GLU H 1 -17.35 6.91 -26.16
C GLU H 1 -16.88 8.27 -26.64
N ILE H 2 -15.64 8.60 -26.30
CA ILE H 2 -15.04 9.81 -26.84
C ILE H 2 -13.95 9.42 -27.83
N VAL H 3 -13.95 10.08 -28.98
CA VAL H 3 -13.02 9.79 -30.07
C VAL H 3 -11.91 10.84 -30.04
N MET H 4 -10.70 10.41 -29.69
CA MET H 4 -9.54 11.27 -29.69
C MET H 4 -8.99 11.35 -31.11
N THR H 5 -8.67 12.56 -31.57
CA THR H 5 -8.14 12.79 -32.90
C THR H 5 -6.84 13.57 -32.79
N GLN H 6 -5.75 12.96 -33.26
CA GLN H 6 -4.44 13.56 -33.14
C GLN H 6 -3.97 14.03 -34.51
N SER H 7 -3.92 15.36 -34.67
CA SER H 7 -4.03 15.95 -36.00
C SER H 7 -2.89 15.62 -36.96
N PRO H 8 -1.63 15.96 -36.69
CA PRO H 8 -0.60 15.66 -37.70
C PRO H 8 -0.33 14.16 -37.74
N ALA H 9 -0.31 13.62 -38.95
CA ALA H 9 -0.05 12.19 -39.08
C ALA H 9 1.41 11.88 -38.81
N THR H 10 2.32 12.53 -39.52
CA THR H 10 3.74 12.41 -39.30
C THR H 10 4.36 13.79 -39.36
N LEU H 11 4.97 14.21 -38.25
CA LEU H 11 5.60 15.52 -38.16
C LEU H 11 7.11 15.34 -38.24
N SER H 12 7.69 15.73 -39.37
CA SER H 12 9.12 15.61 -39.61
C SER H 12 9.76 16.98 -39.44
N VAL H 13 10.56 17.13 -38.40
CA VAL H 13 11.25 18.38 -38.09
C VAL H 13 12.70 18.07 -37.79
N SER H 14 13.51 19.09 -37.78
CA SER H 14 14.93 18.96 -37.51
C SER H 14 15.19 19.04 -36.01
N PRO H 15 16.26 18.38 -35.55
CA PRO H 15 16.62 18.48 -34.14
C PRO H 15 17.02 19.89 -33.76
N GLY H 16 17.05 20.16 -32.46
CA GLY H 16 17.26 21.50 -31.96
C GLY H 16 16.19 22.49 -32.36
N ASP H 17 14.94 22.05 -32.47
CA ASP H 17 13.85 22.88 -32.96
C ASP H 17 12.60 22.55 -32.16
N ARG H 18 11.82 23.58 -31.82
CA ARG H 18 10.69 23.41 -30.91
C ARG H 18 9.53 22.81 -31.69
N ALA H 19 9.09 21.63 -31.26
CA ALA H 19 8.00 20.91 -31.91
C ALA H 19 6.74 21.01 -31.08
N THR H 20 5.64 21.36 -31.72
CA THR H 20 4.34 21.44 -31.07
C THR H 20 3.33 20.62 -31.86
N LEU H 21 2.82 19.56 -31.25
CA LEU H 21 1.81 18.72 -31.86
C LEU H 21 0.64 18.60 -30.90
N SER H 22 -0.53 18.27 -31.44
CA SER H 22 -1.77 18.40 -30.69
C SER H 22 -2.70 17.23 -31.01
N CYS H 23 -3.73 17.09 -30.20
CA CYS H 23 -4.75 16.08 -30.43
C CYS H 23 -6.08 16.61 -29.91
N ARG H 24 -7.11 16.64 -30.73
CA ARG H 24 -8.42 17.16 -30.33
C ARG H 24 -9.40 16.03 -30.02
N ALA H 25 -10.29 16.25 -29.06
CA ALA H 25 -11.24 15.22 -28.70
C ALA H 25 -12.67 15.73 -28.69
N SER H 26 -13.62 14.82 -28.90
CA SER H 26 -15.04 15.18 -28.89
C SER H 26 -15.50 15.52 -27.47
N GLN H 27 -16.53 16.37 -27.41
CA GLN H 27 -17.09 16.86 -26.15
C GLN H 27 -15.99 17.54 -25.33
N SER H 28 -15.93 17.23 -24.03
CA SER H 28 -14.91 17.82 -23.18
C SER H 28 -14.16 16.79 -22.38
N VAL H 29 -12.84 16.89 -22.38
CA VAL H 29 -12.00 15.97 -21.61
C VAL H 29 -11.46 16.66 -20.37
N SER H 30 -12.01 17.84 -20.06
CA SER H 30 -11.60 18.63 -18.91
C SER H 30 -10.10 18.82 -18.87
N SER H 31 -9.45 18.29 -17.84
CA SER H 31 -8.01 18.41 -17.70
C SER H 31 -7.36 17.04 -17.61
N LYS H 32 -8.17 15.99 -17.73
CA LYS H 32 -7.66 14.63 -17.62
C LYS H 32 -7.16 14.06 -18.94
N LEU H 33 -5.85 14.18 -19.17
CA LEU H 33 -5.21 13.66 -20.38
C LEU H 33 -3.79 13.24 -20.08
N ALA H 34 -3.19 12.43 -20.95
CA ALA H 34 -1.84 11.93 -20.73
C ALA H 34 -1.15 11.71 -22.06
N TRP H 35 0.18 11.88 -22.06
CA TRP H 35 0.98 11.73 -23.27
C TRP H 35 1.96 10.59 -23.11
N TYR H 36 2.08 9.76 -24.13
CA TYR H 36 2.94 8.60 -24.14
C TYR H 36 3.87 8.68 -25.33
N GLN H 37 4.94 7.90 -25.30
CA GLN H 37 5.78 7.69 -26.47
C GLN H 37 6.09 6.21 -26.57
N GLN H 38 6.13 5.69 -27.79
CA GLN H 38 6.50 4.31 -28.03
C GLN H 38 7.61 4.29 -29.06
N LYS H 39 8.80 3.90 -28.64
CA LYS H 39 9.90 3.67 -29.55
C LYS H 39 9.77 2.28 -30.15
N PRO H 40 10.35 2.05 -31.32
CA PRO H 40 10.15 0.75 -31.98
C PRO H 40 10.52 -0.41 -31.08
N GLY H 41 9.62 -1.38 -30.99
CA GLY H 41 9.83 -2.58 -30.20
C GLY H 41 10.07 -2.32 -28.73
N GLN H 42 9.34 -1.36 -28.15
CA GLN H 42 9.55 -0.97 -26.77
C GLN H 42 8.21 -0.55 -26.17
N ALA H 43 8.04 -0.86 -24.89
CA ALA H 43 6.82 -0.49 -24.20
C ALA H 43 6.67 1.03 -24.15
N PRO H 44 5.43 1.52 -24.02
CA PRO H 44 5.23 2.96 -23.93
C PRO H 44 5.88 3.53 -22.68
N ARG H 45 6.05 4.84 -22.66
CA ARG H 45 6.60 5.54 -21.52
C ARG H 45 5.79 6.80 -21.27
N LEU H 46 5.28 6.94 -20.05
CA LEU H 46 4.41 8.05 -19.71
C LEU H 46 5.20 9.36 -19.70
N LEU H 47 4.73 10.33 -20.48
CA LEU H 47 5.36 11.62 -20.61
C LEU H 47 4.71 12.68 -19.72
N ILE H 48 3.49 13.09 -20.07
CA ILE H 48 2.76 14.11 -19.32
C ILE H 48 1.45 13.50 -18.87
N TYR H 49 0.98 13.87 -17.68
CA TYR H 49 -0.35 13.51 -17.22
C TYR H 49 -1.04 14.75 -16.69
N ALA H 50 -2.34 14.65 -16.44
CA ALA H 50 -3.20 15.81 -16.29
C ALA H 50 -3.02 16.71 -17.50
N ALA H 51 -2.97 18.02 -17.30
CA ALA H 51 -2.72 18.89 -18.44
C ALA H 51 -1.23 19.14 -18.60
N SER H 52 -0.66 19.94 -17.72
CA SER H 52 0.74 20.31 -17.80
C SER H 52 1.67 19.50 -16.91
N THR H 53 1.15 18.59 -16.08
CA THR H 53 1.99 17.99 -15.05
C THR H 53 2.92 16.95 -15.66
N ARG H 54 4.21 17.17 -15.49
CA ARG H 54 5.24 16.35 -16.10
C ARG H 54 5.61 15.21 -15.16
N ALA H 55 5.70 14.01 -15.70
CA ALA H 55 6.04 12.85 -14.91
C ALA H 55 7.48 12.94 -14.41
N THR H 56 7.80 12.13 -13.40
CA THR H 56 9.05 12.29 -12.67
C THR H 56 10.27 12.09 -13.58
N GLY H 57 10.32 10.98 -14.30
CA GLY H 57 11.55 10.63 -15.02
C GLY H 57 11.66 11.33 -16.37
N ILE H 58 10.87 12.37 -16.58
CA ILE H 58 10.80 13.03 -17.88
C ILE H 58 11.80 14.18 -17.94
N PRO H 59 12.51 14.36 -19.05
CA PRO H 59 13.37 15.54 -19.20
C PRO H 59 12.58 16.83 -19.05
N ALA H 60 13.28 17.87 -18.59
CA ALA H 60 12.61 19.14 -18.32
C ALA H 60 12.23 19.86 -19.60
N ARG H 61 12.62 19.34 -20.76
CA ARG H 61 12.27 20.03 -22.00
C ARG H 61 10.83 19.76 -22.41
N PHE H 62 10.35 18.53 -22.21
CA PHE H 62 8.96 18.23 -22.54
C PHE H 62 8.02 19.04 -21.67
N SER H 63 7.01 19.62 -22.31
CA SER H 63 5.97 20.35 -21.58
C SER H 63 4.72 20.35 -22.44
N GLY H 64 3.58 20.52 -21.80
CA GLY H 64 2.31 20.47 -22.51
C GLY H 64 1.27 21.35 -21.86
N SER H 65 0.22 21.68 -22.61
CA SER H 65 -0.86 22.50 -22.10
C SER H 65 -2.11 22.27 -22.94
N GLY H 66 -3.26 22.61 -22.38
CA GLY H 66 -4.52 22.54 -23.11
C GLY H 66 -5.64 22.33 -22.13
N SER H 67 -6.86 22.40 -22.64
CA SER H 67 -8.04 22.11 -21.83
C SER H 67 -9.20 21.80 -22.76
N GLY H 68 -10.23 21.17 -22.20
CA GLY H 68 -11.44 20.97 -22.97
C GLY H 68 -11.23 20.03 -24.14
N THR H 69 -11.55 20.54 -25.33
CA THR H 69 -11.53 19.68 -26.52
C THR H 69 -10.18 19.67 -27.18
N GLU H 70 -9.26 20.50 -26.73
CA GLU H 70 -8.03 20.77 -27.46
C GLU H 70 -6.84 20.75 -26.51
N PHE H 71 -5.70 20.23 -26.98
CA PHE H 71 -4.51 20.05 -26.16
C PHE H 71 -3.25 20.17 -27.01
N THR H 72 -2.18 20.66 -26.38
CA THR H 72 -0.91 20.88 -27.06
C THR H 72 0.23 20.29 -26.25
N LEU H 73 1.11 19.55 -26.92
CA LEU H 73 2.35 19.08 -26.34
C LEU H 73 3.49 19.83 -27.02
N THR H 74 4.38 20.41 -26.23
CA THR H 74 5.48 21.22 -26.73
C THR H 74 6.80 20.54 -26.40
N ILE H 75 7.46 19.99 -27.42
CA ILE H 75 8.82 19.49 -27.31
C ILE H 75 9.75 20.61 -27.74
N SER H 76 10.69 20.96 -26.88
CA SER H 76 11.70 21.96 -27.20
C SER H 76 13.06 21.31 -27.29
N SER H 77 13.85 21.76 -28.27
CA SER H 77 15.21 21.26 -28.50
C SER H 77 15.21 19.75 -28.74
N LEU H 78 14.58 19.37 -29.86
CA LEU H 78 14.51 17.96 -30.24
C LEU H 78 15.90 17.36 -30.32
N GLN H 79 15.99 16.07 -29.96
CA GLN H 79 17.23 15.33 -30.01
C GLN H 79 16.98 14.00 -30.72
N SER H 80 18.08 13.31 -31.05
CA SER H 80 17.97 12.05 -31.78
C SER H 80 17.23 11.00 -30.96
N GLU H 81 17.24 11.15 -29.64
CA GLU H 81 16.63 10.15 -28.78
C GLU H 81 15.11 10.27 -28.75
N ASP H 82 14.59 11.40 -29.26
CA ASP H 82 13.18 11.71 -29.04
C ASP H 82 12.32 11.27 -30.21
N PHE H 83 12.90 10.66 -31.22
CA PHE H 83 12.10 10.29 -32.38
C PHE H 83 11.32 9.01 -32.11
N ALA H 84 10.01 9.13 -32.09
CA ALA H 84 9.11 8.00 -31.89
C ALA H 84 7.67 8.42 -32.11
N VAL H 85 6.76 7.47 -31.98
CA VAL H 85 5.33 7.72 -32.06
C VAL H 85 4.89 8.34 -30.74
N TYR H 86 3.90 9.21 -30.78
CA TYR H 86 3.33 9.81 -29.58
C TYR H 86 1.83 9.50 -29.53
N TYR H 87 1.26 9.59 -28.33
CA TYR H 87 -0.12 9.21 -28.07
C TYR H 87 -0.70 10.10 -26.99
N CYS H 88 -1.99 10.39 -27.09
CA CYS H 88 -2.71 11.09 -26.03
C CYS H 88 -3.87 10.21 -25.58
N GLN H 89 -4.27 10.35 -24.33
CA GLN H 89 -5.34 9.53 -23.80
C GLN H 89 -6.10 10.31 -22.75
N GLN H 90 -7.42 10.17 -22.76
CA GLN H 90 -8.25 10.86 -21.79
C GLN H 90 -8.84 9.83 -20.84
N TYR H 91 -8.70 10.07 -19.55
CA TYR H 91 -9.27 9.15 -18.56
C TYR H 91 -10.55 9.69 -17.97
N ASN H 92 -11.05 10.77 -18.58
CA ASN H 92 -12.25 11.44 -18.12
C ASN H 92 -13.50 10.59 -18.21
N TYR H 93 -13.85 10.20 -19.42
CA TYR H 93 -15.03 9.40 -19.66
C TYR H 93 -14.64 7.97 -20.00
N TRP H 94 -14.72 7.09 -19.02
CA TRP H 94 -14.36 5.69 -19.21
C TRP H 94 -15.27 4.80 -18.37
N PRO H 95 -15.37 3.51 -18.73
CA PRO H 95 -14.87 2.85 -19.92
C PRO H 95 -15.67 3.23 -21.15
N PRO H 96 -15.02 3.20 -22.32
CA PRO H 96 -13.74 2.55 -22.50
C PRO H 96 -12.66 3.60 -22.67
N ILE H 97 -11.53 3.42 -22.01
CA ILE H 97 -10.45 4.38 -22.13
C ILE H 97 -10.02 4.42 -23.58
N THR H 98 -9.83 5.61 -24.12
CA THR H 98 -9.47 5.75 -25.52
C THR H 98 -8.07 6.28 -25.69
N PHE H 99 -7.41 5.79 -26.74
CA PHE H 99 -6.06 6.20 -27.09
C PHE H 99 -6.09 6.79 -28.48
N GLY H 100 -5.33 7.86 -28.68
CA GLY H 100 -5.26 8.53 -29.97
C GLY H 100 -4.53 7.69 -31.01
N GLN H 101 -4.77 7.98 -32.28
CA GLN H 101 -4.13 7.23 -33.35
C GLN H 101 -2.62 7.32 -33.32
N GLY H 102 -2.10 8.50 -33.01
CA GLY H 102 -0.67 8.68 -32.91
C GLY H 102 -0.06 9.59 -33.94
N THR H 103 1.08 10.17 -33.58
CA THR H 103 1.83 11.06 -34.46
C THR H 103 3.26 10.59 -34.52
N ARG H 104 3.67 10.10 -35.69
CA ARG H 104 5.03 9.60 -35.88
C ARG H 104 5.97 10.79 -35.99
N LEU H 105 7.25 10.56 -35.73
CA LEU H 105 8.21 11.65 -35.70
C LEU H 105 9.63 11.14 -35.84
#